data_3FG9
#
_entry.id   3FG9
#
_cell.length_a   38.355
_cell.length_b   118.949
_cell.length_c   191.974
_cell.angle_alpha   90.00
_cell.angle_beta   90.00
_cell.angle_gamma   90.00
#
_symmetry.space_group_name_H-M   'P 21 21 21'
#
loop_
_entity.id
_entity.type
_entity.pdbx_description
1 polymer 'protein of universal stress protein UspA family'
2 non-polymer 'MAGNESIUM ION'
3 non-polymer 'FORMIC ACID'
4 non-polymer 'ACETATE ION'
5 water water
#
_entity_poly.entity_id   1
_entity_poly.type   'polypeptide(L)'
_entity_poly.pdbx_seq_one_letter_code
;SNA(MSE)ENQK(MSE)QEPLVYRRILLTVDEDDNTSSERAFRYATTLAHDYDVPLGICSVLESEDINIFDSLTPSKIQA
KRKHVEDVVAEYVQLAEQRGVNQVEPLVYEGGDVDDVILEQVIPEFKPDLLVTGADTEFPHSKIAGAIGPRLARKAPISV
IVVR
;
_entity_poly.pdbx_strand_id   A,B,C,D,E,F
#
# COMPACT_ATOMS: atom_id res chain seq x y z
N SER A 1 -22.24 -29.41 22.77
CA SER A 1 -22.52 -29.12 21.34
C SER A 1 -23.11 -30.36 20.68
N ASN A 2 -24.12 -30.16 19.83
CA ASN A 2 -24.60 -31.26 18.98
C ASN A 2 -23.58 -31.58 17.87
N ALA A 3 -23.84 -32.59 17.05
CA ALA A 3 -22.85 -33.00 16.04
C ALA A 3 -22.50 -31.89 15.03
N GLU A 5 -22.96 -28.59 15.40
CA GLU A 5 -22.27 -27.52 16.16
C GLU A 5 -20.81 -27.87 16.41
N ASN A 6 -20.55 -29.08 16.89
CA ASN A 6 -19.19 -29.53 17.14
C ASN A 6 -18.33 -29.36 15.89
N GLN A 7 -18.84 -29.78 14.74
CA GLN A 7 -18.09 -29.74 13.49
C GLN A 7 -17.83 -28.28 13.13
N LYS A 8 -18.84 -27.43 13.28
CA LYS A 8 -18.67 -26.04 12.92
CA LYS A 8 -18.74 -26.01 12.98
C LYS A 8 -17.67 -25.36 13.84
N GLN A 10 -15.07 -26.61 15.09
CA GLN A 10 -13.79 -27.17 14.73
CA GLN A 10 -13.73 -27.08 14.77
C GLN A 10 -13.22 -26.64 13.41
N GLU A 11 -14.07 -26.00 12.59
CA GLU A 11 -13.68 -25.58 11.24
C GLU A 11 -12.53 -24.57 11.40
N PRO A 12 -11.42 -24.75 10.68
CA PRO A 12 -10.37 -23.71 10.74
C PRO A 12 -10.88 -22.33 10.35
N LEU A 13 -10.34 -21.29 10.97
CA LEU A 13 -10.60 -19.92 10.55
C LEU A 13 -9.29 -19.28 10.21
N VAL A 14 -9.15 -18.98 8.93
CA VAL A 14 -7.99 -18.27 8.40
C VAL A 14 -8.59 -17.09 7.63
N TYR A 15 -8.24 -15.88 8.03
CA TYR A 15 -8.78 -14.70 7.33
C TYR A 15 -8.34 -14.68 5.85
N ARG A 16 -9.27 -14.30 4.99
CA ARG A 16 -9.07 -14.41 3.55
CA ARG A 16 -9.05 -14.41 3.55
C ARG A 16 -8.50 -13.17 2.87
N ARG A 17 -8.71 -11.99 3.46
CA ARG A 17 -8.34 -10.72 2.78
C ARG A 17 -8.04 -9.72 3.88
N ILE A 18 -6.78 -9.31 3.95
CA ILE A 18 -6.30 -8.54 5.11
CA ILE A 18 -6.31 -8.52 5.12
C ILE A 18 -6.13 -7.07 4.72
N LEU A 19 -6.68 -6.17 5.53
CA LEU A 19 -6.53 -4.74 5.29
C LEU A 19 -5.71 -4.14 6.41
N LEU A 20 -4.50 -3.66 6.10
CA LEU A 20 -3.67 -2.96 7.09
C LEU A 20 -3.86 -1.46 6.93
N THR A 21 -4.26 -0.79 8.00
CA THR A 21 -4.45 0.66 7.99
CA THR A 21 -4.42 0.65 7.94
C THR A 21 -3.27 1.33 8.67
N VAL A 22 -2.65 2.31 7.98
CA VAL A 22 -1.45 2.97 8.50
C VAL A 22 -1.57 4.49 8.45
N ASP A 23 -0.81 5.15 9.32
CA ASP A 23 -0.54 6.61 9.15
C ASP A 23 0.95 6.75 8.86
N GLU A 24 1.49 7.97 8.97
CA GLU A 24 2.89 8.19 8.57
C GLU A 24 3.91 7.86 9.66
N ASP A 25 3.43 7.63 10.88
CA ASP A 25 4.33 7.50 12.03
C ASP A 25 4.90 6.10 12.15
N ASP A 26 6.17 6.03 12.49
CA ASP A 26 6.90 4.77 12.61
C ASP A 26 7.14 4.54 14.10
N ASN A 27 6.34 3.65 14.69
CA ASN A 27 6.40 3.40 16.14
C ASN A 27 6.31 1.88 16.41
N THR A 28 6.44 1.46 17.65
CA THR A 28 6.41 0.02 17.97
CA THR A 28 6.44 0.01 17.89
C THR A 28 5.13 -0.64 17.49
N SER A 29 3.99 0.03 17.74
CA SER A 29 2.72 -0.55 17.35
CA SER A 29 2.71 -0.57 17.35
C SER A 29 2.56 -0.67 15.84
N SER A 30 3.02 0.34 15.08
CA SER A 30 2.88 0.24 13.64
C SER A 30 3.80 -0.82 13.04
N GLU A 31 4.99 -0.96 13.62
CA GLU A 31 5.90 -1.99 13.14
C GLU A 31 5.28 -3.36 13.39
N ARG A 32 4.77 -3.56 14.59
CA ARG A 32 4.19 -4.85 14.91
C ARG A 32 2.93 -5.11 14.12
N ALA A 33 2.12 -4.07 13.86
CA ALA A 33 0.94 -4.26 13.01
C ALA A 33 1.34 -4.73 11.60
N PHE A 34 2.37 -4.08 11.04
CA PHE A 34 2.83 -4.46 9.71
C PHE A 34 3.36 -5.90 9.72
N ARG A 35 4.15 -6.24 10.73
CA ARG A 35 4.71 -7.59 10.83
C ARG A 35 3.62 -8.64 11.02
N TYR A 36 2.59 -8.36 11.83
CA TYR A 36 1.53 -9.34 11.99
C TYR A 36 0.78 -9.52 10.64
N ALA A 37 0.40 -8.41 10.00
CA ALA A 37 -0.37 -8.51 8.75
C ALA A 37 0.39 -9.24 7.67
N THR A 38 1.69 -8.96 7.58
CA THR A 38 2.47 -9.59 6.51
C THR A 38 2.83 -11.03 6.85
N THR A 39 3.03 -11.32 8.14
CA THR A 39 3.23 -12.71 8.52
C THR A 39 1.99 -13.54 8.21
N LEU A 40 0.82 -13.02 8.55
CA LEU A 40 -0.43 -13.71 8.21
C LEU A 40 -0.55 -13.90 6.70
N ALA A 41 -0.37 -12.83 5.93
CA ALA A 41 -0.55 -12.93 4.49
C ALA A 41 0.47 -13.89 3.87
N HIS A 42 1.69 -13.88 4.38
CA HIS A 42 2.71 -14.81 3.87
C HIS A 42 2.42 -16.26 4.29
N ASP A 43 2.14 -16.48 5.56
CA ASP A 43 2.03 -17.89 6.00
C ASP A 43 0.79 -18.56 5.42
N TYR A 44 -0.27 -17.78 5.21
CA TYR A 44 -1.52 -18.35 4.71
C TYR A 44 -1.80 -18.08 3.23
N ASP A 45 -0.91 -17.32 2.59
CA ASP A 45 -1.02 -17.01 1.15
C ASP A 45 -2.36 -16.35 0.83
N VAL A 46 -2.59 -15.21 1.49
CA VAL A 46 -3.80 -14.44 1.25
C VAL A 46 -3.46 -12.98 0.92
N PRO A 47 -4.36 -12.31 0.18
CA PRO A 47 -4.05 -10.93 -0.22
C PRO A 47 -4.03 -9.93 0.92
N LEU A 48 -3.19 -8.92 0.73
CA LEU A 48 -3.01 -7.80 1.68
C LEU A 48 -3.24 -6.48 0.95
N GLY A 49 -4.00 -5.60 1.59
CA GLY A 49 -4.11 -4.23 1.10
C GLY A 49 -3.59 -3.32 2.16
N ILE A 50 -2.89 -2.24 1.76
CA ILE A 50 -2.28 -1.37 2.74
C ILE A 50 -2.87 -0.01 2.47
N CYS A 51 -3.61 0.50 3.44
CA CYS A 51 -4.45 1.69 3.25
CA CYS A 51 -4.41 1.71 3.20
C CYS A 51 -4.04 2.87 4.10
N SER A 52 -4.16 4.08 3.57
CA SER A 52 -4.18 5.25 4.40
C SER A 52 -5.18 6.23 3.79
N VAL A 53 -5.54 7.26 4.55
CA VAL A 53 -6.56 8.21 4.10
C VAL A 53 -5.93 9.59 4.25
N LEU A 54 -5.86 10.27 3.12
CA LEU A 54 -5.19 11.58 3.03
C LEU A 54 -6.11 12.74 3.41
N GLU A 55 -5.54 13.83 3.93
CA GLU A 55 -6.29 15.07 4.07
C GLU A 55 -6.34 15.76 2.68
N SER A 56 -7.48 16.37 2.36
CA SER A 56 -7.62 17.13 1.13
C SER A 56 -7.56 18.61 1.45
N GLU A 57 -7.21 19.42 0.47
CA GLU A 57 -7.33 20.87 0.57
C GLU A 57 -8.82 21.26 0.69
N ASP A 58 -9.06 22.29 1.49
CA ASP A 58 -10.41 22.81 1.75
C ASP A 58 -10.57 24.03 0.86
N ILE A 59 -11.62 24.02 0.04
CA ILE A 59 -11.80 25.06 -0.98
C ILE A 59 -12.06 26.45 -0.36
N ASN A 60 -12.46 26.47 0.91
CA ASN A 60 -12.67 27.70 1.70
C ASN A 60 -11.43 28.21 2.48
N ILE A 61 -10.30 27.52 2.35
CA ILE A 61 -9.09 27.96 3.02
C ILE A 61 -8.11 28.30 1.93
N PHE A 62 -7.81 29.60 1.78
CA PHE A 62 -6.95 30.10 0.73
C PHE A 62 -5.84 30.95 1.29
N ASP A 63 -4.61 30.47 1.18
CA ASP A 63 -3.45 31.21 1.67
C ASP A 63 -2.20 30.62 0.99
N SER A 64 -1.04 31.20 1.24
CA SER A 64 0.14 30.77 0.49
C SER A 64 0.78 29.51 1.04
N LEU A 65 0.62 29.23 2.34
CA LEU A 65 1.38 28.13 2.96
C LEU A 65 0.58 26.82 3.02
N THR A 66 -0.72 26.90 3.30
CA THR A 66 -1.55 25.69 3.38
C THR A 66 -1.43 24.68 2.21
N PRO A 67 -1.42 25.14 0.93
CA PRO A 67 -1.27 24.18 -0.16
C PRO A 67 0.02 23.39 -0.09
N SER A 68 1.14 24.05 0.21
CA SER A 68 2.40 23.31 0.36
C SER A 68 2.32 22.32 1.53
N LYS A 69 1.76 22.75 2.65
CA LYS A 69 1.67 21.91 3.85
C LYS A 69 0.86 20.67 3.53
N ILE A 70 -0.30 20.84 2.87
CA ILE A 70 -1.15 19.71 2.60
C ILE A 70 -0.57 18.80 1.53
N GLN A 71 -0.02 19.38 0.47
CA GLN A 71 0.57 18.60 -0.60
C GLN A 71 1.76 17.79 -0.10
N ALA A 72 2.60 18.38 0.74
CA ALA A 72 3.79 17.69 1.23
C ALA A 72 3.35 16.54 2.15
N LYS A 73 2.29 16.75 2.95
CA LYS A 73 1.76 15.68 3.82
CA LYS A 73 1.79 15.66 3.81
C LYS A 73 1.23 14.52 2.98
N ARG A 74 0.47 14.84 1.92
CA ARG A 74 -0.05 13.81 1.01
C ARG A 74 1.07 12.98 0.40
N LYS A 75 2.11 13.64 -0.10
CA LYS A 75 3.23 12.94 -0.71
C LYS A 75 3.92 12.05 0.33
N HIS A 76 4.06 12.54 1.56
CA HIS A 76 4.70 11.77 2.64
C HIS A 76 3.93 10.49 2.90
N VAL A 77 2.61 10.61 3.05
CA VAL A 77 1.78 9.42 3.29
C VAL A 77 1.82 8.45 2.11
N GLU A 78 1.77 8.97 0.87
CA GLU A 78 1.92 8.14 -0.36
C GLU A 78 3.25 7.39 -0.35
N ASP A 79 4.32 8.08 0.09
CA ASP A 79 5.64 7.46 0.16
C ASP A 79 5.65 6.32 1.18
N VAL A 80 5.04 6.58 2.33
CA VAL A 80 4.99 5.58 3.40
C VAL A 80 4.20 4.34 2.96
N VAL A 81 3.05 4.55 2.32
CA VAL A 81 2.27 3.41 1.85
C VAL A 81 3.08 2.62 0.80
N ALA A 82 3.71 3.33 -0.14
CA ALA A 82 4.51 2.64 -1.17
C ALA A 82 5.67 1.84 -0.57
N GLU A 83 6.26 2.37 0.49
CA GLU A 83 7.37 1.67 1.14
C GLU A 83 6.87 0.41 1.87
N TYR A 84 5.75 0.54 2.57
CA TYR A 84 5.16 -0.65 3.17
C TYR A 84 4.85 -1.73 2.13
N VAL A 85 4.33 -1.33 0.96
CA VAL A 85 4.05 -2.31 -0.09
C VAL A 85 5.34 -3.00 -0.53
N GLN A 86 6.41 -2.25 -0.76
CA GLN A 86 7.68 -2.86 -1.15
C GLN A 86 8.21 -3.80 -0.07
N LEU A 87 8.12 -3.39 1.20
CA LEU A 87 8.59 -4.23 2.28
C LEU A 87 7.78 -5.52 2.35
N ALA A 88 6.49 -5.44 2.08
CA ALA A 88 5.65 -6.63 2.10
C ALA A 88 6.00 -7.58 0.95
N GLU A 89 6.30 -7.02 -0.23
CA GLU A 89 6.76 -7.86 -1.34
C GLU A 89 8.10 -8.54 -0.99
N GLN A 90 9.01 -7.79 -0.38
CA GLN A 90 10.29 -8.38 0.04
C GLN A 90 10.09 -9.50 1.07
N ARG A 91 9.09 -9.33 1.94
CA ARG A 91 8.76 -10.31 2.98
C ARG A 91 8.26 -11.61 2.38
N GLY A 92 7.83 -11.56 1.12
CA GLY A 92 7.33 -12.72 0.37
C GLY A 92 5.83 -12.75 0.24
N VAL A 93 5.15 -11.65 0.53
CA VAL A 93 3.70 -11.62 0.30
C VAL A 93 3.42 -11.60 -1.17
N ASN A 94 2.64 -12.58 -1.64
CA ASN A 94 2.41 -12.74 -3.07
C ASN A 94 1.49 -11.68 -3.67
N GLN A 95 0.49 -11.24 -2.90
CA GLN A 95 -0.51 -10.29 -3.39
C GLN A 95 -0.63 -9.16 -2.41
N VAL A 96 -0.06 -8.01 -2.76
CA VAL A 96 -0.13 -6.84 -1.90
C VAL A 96 -0.37 -5.61 -2.77
N GLU A 97 -1.27 -4.75 -2.29
CA GLU A 97 -1.66 -3.58 -3.08
C GLU A 97 -1.85 -2.37 -2.21
N PRO A 98 -1.50 -1.21 -2.73
CA PRO A 98 -1.72 0.06 -2.03
C PRO A 98 -3.17 0.48 -2.14
N LEU A 99 -3.71 1.11 -1.10
CA LEU A 99 -5.10 1.60 -1.08
C LEU A 99 -5.11 2.98 -0.47
N VAL A 100 -4.76 3.97 -1.30
CA VAL A 100 -4.69 5.34 -0.82
C VAL A 100 -5.98 6.06 -1.17
N TYR A 101 -6.68 6.49 -0.12
CA TYR A 101 -7.97 7.20 -0.27
C TYR A 101 -7.83 8.59 0.37
N GLU A 102 -8.89 9.38 0.33
CA GLU A 102 -8.84 10.75 0.90
C GLU A 102 -10.21 11.16 1.43
N GLY A 103 -10.18 12.05 2.42
CA GLY A 103 -11.42 12.61 2.96
C GLY A 103 -11.27 13.09 4.38
N GLY A 104 -12.23 13.92 4.80
CA GLY A 104 -12.14 14.58 6.09
C GLY A 104 -12.61 13.78 7.26
N ASP A 105 -13.36 12.71 6.96
CA ASP A 105 -13.84 11.79 7.97
C ASP A 105 -13.27 10.41 7.66
N VAL A 106 -12.15 10.12 8.32
CA VAL A 106 -11.37 8.92 8.00
C VAL A 106 -12.13 7.66 8.39
N ASP A 107 -12.81 7.66 9.54
CA ASP A 107 -13.64 6.53 9.92
C ASP A 107 -14.63 6.20 8.79
N ASP A 108 -15.32 7.24 8.30
CA ASP A 108 -16.31 7.04 7.25
C ASP A 108 -15.71 6.56 5.92
N VAL A 109 -14.56 7.12 5.54
CA VAL A 109 -13.88 6.67 4.34
C VAL A 109 -13.54 5.18 4.43
N ILE A 110 -13.00 4.76 5.58
CA ILE A 110 -12.63 3.35 5.73
C ILE A 110 -13.89 2.46 5.71
N LEU A 111 -14.90 2.86 6.47
CA LEU A 111 -16.13 2.05 6.57
C LEU A 111 -16.98 2.01 5.31
N GLU A 112 -17.04 3.14 4.58
CA GLU A 112 -17.96 3.25 3.46
C GLU A 112 -17.31 3.15 2.08
N GLN A 113 -15.99 3.40 1.99
CA GLN A 113 -15.28 3.29 0.72
C GLN A 113 -14.30 2.12 0.73
N VAL A 114 -13.35 2.09 1.69
CA VAL A 114 -12.24 1.13 1.58
C VAL A 114 -12.74 -0.30 1.80
N ILE A 115 -13.48 -0.52 2.90
CA ILE A 115 -13.98 -1.87 3.19
C ILE A 115 -14.91 -2.40 2.09
N PRO A 116 -15.89 -1.60 1.61
CA PRO A 116 -16.74 -2.15 0.54
C PRO A 116 -16.01 -2.41 -0.78
N GLU A 117 -14.97 -1.63 -1.08
CA GLU A 117 -14.21 -1.80 -2.33
C GLU A 117 -13.19 -2.94 -2.28
N PHE A 118 -12.40 -2.99 -1.20
CA PHE A 118 -11.36 -4.03 -1.10
C PHE A 118 -11.90 -5.35 -0.53
N LYS A 119 -12.99 -5.26 0.24
CA LYS A 119 -13.69 -6.43 0.80
C LYS A 119 -12.77 -7.29 1.71
N PRO A 120 -12.10 -6.64 2.67
CA PRO A 120 -11.34 -7.45 3.64
C PRO A 120 -12.25 -8.13 4.62
N ASP A 121 -11.74 -9.19 5.23
CA ASP A 121 -12.42 -9.75 6.41
C ASP A 121 -11.69 -9.51 7.72
N LEU A 122 -10.51 -8.92 7.63
CA LEU A 122 -9.77 -8.49 8.84
C LEU A 122 -9.16 -7.14 8.59
N LEU A 123 -9.38 -6.21 9.51
CA LEU A 123 -8.65 -4.93 9.51
C LEU A 123 -7.61 -4.96 10.64
N VAL A 124 -6.36 -4.64 10.28
CA VAL A 124 -5.24 -4.61 11.22
C VAL A 124 -4.80 -3.16 11.33
N THR A 125 -4.58 -2.69 12.55
CA THR A 125 -3.94 -1.38 12.69
C THR A 125 -3.18 -1.27 13.99
N GLY A 126 -2.11 -0.49 14.01
CA GLY A 126 -1.45 -0.26 15.28
C GLY A 126 -2.27 0.59 16.23
N ALA A 127 -2.05 0.36 17.52
CA ALA A 127 -2.78 1.07 18.54
C ALA A 127 -2.53 2.58 18.53
N ASP A 128 -1.45 3.01 17.88
CA ASP A 128 -1.15 4.44 17.84
C ASP A 128 -1.64 5.15 16.60
N THR A 129 -2.14 4.41 15.60
CA THR A 129 -2.61 5.00 14.34
C THR A 129 -3.69 6.02 14.61
N GLU A 130 -3.48 7.22 14.07
CA GLU A 130 -4.40 8.32 14.30
C GLU A 130 -4.35 9.31 13.16
N PHE A 131 -5.49 9.96 12.95
CA PHE A 131 -5.64 10.96 11.90
C PHE A 131 -6.17 12.26 12.52
N PRO A 132 -5.25 13.13 12.96
CA PRO A 132 -5.68 14.38 13.59
C PRO A 132 -6.53 15.27 12.67
N HIS A 133 -6.44 15.06 11.36
CA HIS A 133 -7.24 15.89 10.42
C HIS A 133 -8.70 15.51 10.41
N SER A 134 -9.01 14.33 10.97
CA SER A 134 -10.34 13.75 10.91
C SER A 134 -11.28 14.31 11.96
N LYS A 135 -12.57 14.08 11.75
CA LYS A 135 -13.65 14.51 12.66
C LYS A 135 -13.45 14.12 14.12
N ILE A 136 -12.96 12.91 14.37
CA ILE A 136 -12.79 12.40 15.73
CA ILE A 136 -12.79 12.43 15.73
C ILE A 136 -11.31 12.20 16.09
N ALA A 137 -10.91 12.72 17.25
CA ALA A 137 -9.51 12.67 17.67
C ALA A 137 -9.22 11.39 18.46
N GLY A 138 -7.96 10.96 18.39
CA GLY A 138 -7.48 9.83 19.16
C GLY A 138 -7.32 8.61 18.27
N ALA A 139 -6.83 7.54 18.88
CA ALA A 139 -6.50 6.29 18.15
C ALA A 139 -7.72 5.73 17.42
N ILE A 140 -7.55 5.50 16.10
CA ILE A 140 -8.67 5.04 15.29
C ILE A 140 -9.02 3.56 15.52
N GLY A 141 -8.04 2.75 15.87
CA GLY A 141 -8.26 1.29 15.97
C GLY A 141 -9.43 0.87 16.83
N PRO A 142 -9.47 1.34 18.07
CA PRO A 142 -10.58 0.92 18.93
C PRO A 142 -11.94 1.41 18.42
N ARG A 143 -11.99 2.57 17.74
CA ARG A 143 -13.25 3.01 17.14
C ARG A 143 -13.68 2.08 16.00
N LEU A 144 -12.73 1.67 15.17
CA LEU A 144 -13.03 0.73 14.09
C LEU A 144 -13.41 -0.64 14.67
N ALA A 145 -12.78 -1.02 15.79
CA ALA A 145 -13.18 -2.28 16.42
C ALA A 145 -14.63 -2.27 16.85
N ARG A 146 -15.12 -1.11 17.27
CA ARG A 146 -16.50 -0.94 17.68
CA ARG A 146 -16.50 -0.99 17.68
C ARG A 146 -17.45 -0.89 16.49
N LYS A 147 -17.05 -0.14 15.44
CA LYS A 147 -17.98 0.21 14.36
C LYS A 147 -17.95 -0.68 13.12
N ALA A 148 -16.83 -1.35 12.85
CA ALA A 148 -16.71 -2.09 11.59
C ALA A 148 -17.59 -3.34 11.58
N PRO A 149 -17.97 -3.78 10.39
CA PRO A 149 -18.76 -5.02 10.24
C PRO A 149 -17.91 -6.26 10.15
N ILE A 150 -16.59 -6.07 10.25
CA ILE A 150 -15.63 -7.18 10.12
C ILE A 150 -14.76 -7.23 11.37
N SER A 151 -13.93 -8.25 11.46
CA SER A 151 -12.97 -8.39 12.58
C SER A 151 -11.91 -7.29 12.51
N VAL A 152 -11.49 -6.80 13.67
CA VAL A 152 -10.49 -5.73 13.77
C VAL A 152 -9.48 -6.11 14.86
N ILE A 153 -8.20 -6.12 14.49
CA ILE A 153 -7.14 -6.30 15.50
C ILE A 153 -6.39 -4.98 15.67
N VAL A 154 -6.31 -4.55 16.93
CA VAL A 154 -5.56 -3.36 17.32
C VAL A 154 -4.26 -3.88 17.93
N VAL A 155 -3.16 -3.64 17.24
CA VAL A 155 -1.87 -4.24 17.57
C VAL A 155 -1.02 -3.33 18.43
N ARG A 156 -0.46 -3.92 19.49
CA ARG A 156 0.55 -3.27 20.36
C ARG A 156 1.80 -4.05 20.38
N ASN B 2 13.78 3.91 1.36
CA ASN B 2 12.95 4.91 2.06
C ASN B 2 13.38 4.90 3.56
N ALA B 3 12.45 5.08 4.47
CA ALA B 3 12.75 5.59 5.82
C ALA B 3 12.65 4.58 6.97
N GLU B 5 13.39 0.86 8.89
CA GLU B 5 14.52 -0.05 9.00
CA GLU B 5 14.53 -0.06 8.98
C GLU B 5 14.18 -1.39 8.37
N ASN B 6 14.73 -1.64 7.19
CA ASN B 6 14.38 -2.80 6.39
C ASN B 6 14.34 -4.14 7.14
N GLN B 7 15.43 -4.50 7.81
CA GLN B 7 15.57 -5.80 8.49
C GLN B 7 14.53 -6.01 9.62
N LYS B 8 14.35 -4.99 10.47
CA LYS B 8 13.40 -5.05 11.58
C LYS B 8 11.97 -5.26 11.05
N GLN B 10 11.05 -6.83 8.49
CA GLN B 10 10.92 -8.16 7.91
C GLN B 10 10.74 -9.27 8.94
N GLU B 11 11.03 -9.00 10.21
CA GLU B 11 11.02 -10.11 11.19
C GLU B 11 9.58 -10.65 11.32
N PRO B 12 9.40 -11.97 11.25
CA PRO B 12 8.05 -12.51 11.49
C PRO B 12 7.50 -12.13 12.85
N LEU B 13 6.17 -12.04 12.95
CA LEU B 13 5.53 -11.82 14.22
C LEU B 13 4.49 -12.89 14.43
N VAL B 14 4.68 -13.64 15.52
CA VAL B 14 3.73 -14.69 15.94
C VAL B 14 3.37 -14.37 17.40
N TYR B 15 2.08 -14.33 17.68
CA TYR B 15 1.63 -14.20 19.06
C TYR B 15 1.92 -15.47 19.85
N ARG B 16 2.48 -15.30 21.04
CA ARG B 16 3.05 -16.39 21.83
C ARG B 16 2.14 -16.95 22.90
N ARG B 17 1.14 -16.19 23.35
CA ARG B 17 0.27 -16.66 24.45
C ARG B 17 -1.09 -15.97 24.22
N ILE B 18 -2.11 -16.78 23.95
CA ILE B 18 -3.38 -16.27 23.48
C ILE B 18 -4.42 -16.39 24.59
N LEU B 19 -5.15 -15.32 24.84
CA LEU B 19 -6.24 -15.30 25.80
C LEU B 19 -7.56 -15.06 25.06
N LEU B 20 -8.44 -16.06 25.10
CA LEU B 20 -9.79 -15.94 24.56
C LEU B 20 -10.76 -15.64 25.67
N THR B 21 -11.49 -14.53 25.57
CA THR B 21 -12.49 -14.16 26.60
C THR B 21 -13.86 -14.49 26.04
N VAL B 22 -14.64 -15.22 26.82
CA VAL B 22 -15.96 -15.69 26.40
C VAL B 22 -17.03 -15.32 27.40
N ASP B 23 -18.27 -15.19 26.90
CA ASP B 23 -19.46 -15.12 27.79
C ASP B 23 -20.27 -16.37 27.55
N GLU B 24 -21.51 -16.40 28.07
CA GLU B 24 -22.33 -17.60 27.97
CA GLU B 24 -22.33 -17.59 27.98
C GLU B 24 -23.22 -17.64 26.72
N ASP B 25 -23.15 -16.62 25.85
CA ASP B 25 -24.05 -16.55 24.71
C ASP B 25 -23.52 -17.22 23.45
N ASP B 26 -24.43 -17.59 22.58
CA ASP B 26 -24.06 -18.20 21.31
C ASP B 26 -24.40 -17.25 20.18
N ASN B 27 -23.44 -17.01 19.28
CA ASN B 27 -23.64 -16.19 18.12
C ASN B 27 -22.47 -16.41 17.14
N THR B 28 -22.58 -15.85 15.94
CA THR B 28 -21.55 -16.03 14.93
C THR B 28 -20.22 -15.44 15.40
N SER B 29 -20.23 -14.28 16.07
CA SER B 29 -18.96 -13.71 16.51
CA SER B 29 -18.96 -13.71 16.51
C SER B 29 -18.23 -14.58 17.54
N SER B 30 -18.97 -15.22 18.46
CA SER B 30 -18.32 -16.07 19.44
CA SER B 30 -18.38 -16.12 19.44
C SER B 30 -17.75 -17.32 18.78
N GLU B 31 -18.49 -17.89 17.81
CA GLU B 31 -17.97 -19.04 17.09
C GLU B 31 -16.67 -18.67 16.39
N ARG B 32 -16.71 -17.57 15.66
CA ARG B 32 -15.53 -17.16 14.93
C ARG B 32 -14.35 -16.74 15.83
N ALA B 33 -14.62 -16.12 16.98
CA ALA B 33 -13.54 -15.80 17.91
C ALA B 33 -12.85 -17.08 18.40
N PHE B 34 -13.68 -18.09 18.72
CA PHE B 34 -13.16 -19.37 19.15
C PHE B 34 -12.31 -20.02 18.07
N ARG B 35 -12.85 -20.05 16.84
CA ARG B 35 -12.13 -20.67 15.74
C ARG B 35 -10.81 -19.92 15.42
N TYR B 36 -10.85 -18.58 15.48
CA TYR B 36 -9.62 -17.89 15.26
C TYR B 36 -8.58 -18.20 16.31
N ALA B 37 -8.98 -18.11 17.57
CA ALA B 37 -8.01 -18.35 18.66
C ALA B 37 -7.43 -19.75 18.64
N THR B 38 -8.29 -20.72 18.37
CA THR B 38 -7.81 -22.10 18.39
C THR B 38 -7.06 -22.47 17.13
N THR B 39 -7.45 -21.89 15.97
CA THR B 39 -6.63 -22.06 14.76
C THR B 39 -5.23 -21.49 14.96
N LEU B 40 -5.16 -20.28 15.53
CA LEU B 40 -3.87 -19.65 15.76
C LEU B 40 -3.03 -20.53 16.72
N ALA B 41 -3.64 -20.92 17.86
CA ALA B 41 -2.91 -21.73 18.84
C ALA B 41 -2.47 -23.09 18.27
N HIS B 42 -3.31 -23.71 17.45
CA HIS B 42 -2.93 -24.95 16.79
C HIS B 42 -1.82 -24.74 15.77
N ASP B 43 -1.99 -23.74 14.90
CA ASP B 43 -1.09 -23.60 13.78
C ASP B 43 0.30 -23.18 14.18
N TYR B 44 0.41 -22.38 15.26
CA TYR B 44 1.71 -21.90 15.72
C TYR B 44 2.21 -22.60 16.98
N ASP B 45 1.42 -23.55 17.50
CA ASP B 45 1.78 -24.37 18.66
C ASP B 45 2.11 -23.50 19.86
N VAL B 46 1.13 -22.70 20.26
CA VAL B 46 1.29 -21.75 21.37
C VAL B 46 0.16 -21.92 22.36
N PRO B 47 0.40 -21.56 23.64
CA PRO B 47 -0.64 -21.78 24.66
C PRO B 47 -1.86 -20.88 24.50
N LEU B 48 -3.01 -21.44 24.90
CA LEU B 48 -4.29 -20.76 24.87
C LEU B 48 -4.89 -20.80 26.26
N GLY B 49 -5.39 -19.67 26.72
CA GLY B 49 -6.18 -19.58 27.93
C GLY B 49 -7.59 -19.17 27.54
N ILE B 50 -8.59 -19.80 28.14
CA ILE B 50 -10.00 -19.48 27.86
C ILE B 50 -10.62 -18.96 29.15
N CYS B 51 -10.98 -17.68 29.14
CA CYS B 51 -11.39 -16.96 30.32
CA CYS B 51 -11.43 -17.05 30.36
C CYS B 51 -12.86 -16.57 30.32
N SER B 52 -13.51 -16.62 31.47
CA SER B 52 -14.77 -15.91 31.64
C SER B 52 -14.77 -15.44 33.09
N VAL B 53 -15.72 -14.58 33.41
CA VAL B 53 -15.74 -13.91 34.69
C VAL B 53 -17.12 -14.03 35.30
N LEU B 54 -17.14 -14.44 36.57
CA LEU B 54 -18.36 -14.50 37.35
C LEU B 54 -18.52 -13.14 37.99
N GLU B 55 -19.67 -12.53 37.77
CA GLU B 55 -19.86 -11.17 38.27
C GLU B 55 -20.43 -11.25 39.67
N SER B 56 -19.83 -10.48 40.56
CA SER B 56 -20.31 -10.31 41.95
C SER B 56 -21.80 -9.95 41.96
N GLU B 57 -22.54 -10.49 42.93
CA GLU B 57 -24.01 -10.41 42.84
C GLU B 57 -24.58 -9.02 43.09
N PRO B 67 -27.92 -18.88 47.09
CA PRO B 67 -26.52 -19.21 47.43
C PRO B 67 -26.19 -20.63 46.95
N SER B 68 -27.21 -21.47 46.99
CA SER B 68 -27.32 -22.59 46.07
C SER B 68 -27.41 -21.93 44.69
N LYS B 69 -27.97 -20.73 44.66
CA LYS B 69 -27.98 -19.88 43.47
C LYS B 69 -26.57 -19.45 43.07
N ILE B 70 -25.75 -18.94 44.01
CA ILE B 70 -24.39 -18.53 43.65
C ILE B 70 -23.51 -19.70 43.18
N GLN B 71 -23.62 -20.86 43.84
CA GLN B 71 -22.88 -22.02 43.35
C GLN B 71 -23.39 -22.52 42.01
N ALA B 72 -24.68 -22.31 41.73
CA ALA B 72 -25.24 -22.71 40.42
C ALA B 72 -24.70 -21.77 39.33
N LYS B 73 -24.64 -20.47 39.62
CA LYS B 73 -24.11 -19.48 38.68
C LYS B 73 -22.63 -19.77 38.41
N ARG B 74 -21.90 -20.08 39.47
CA ARG B 74 -20.49 -20.43 39.35
C ARG B 74 -20.32 -21.69 38.52
N LYS B 75 -21.13 -22.71 38.78
CA LYS B 75 -21.06 -23.93 37.99
C LYS B 75 -21.35 -23.64 36.50
N HIS B 76 -22.29 -22.74 36.25
CA HIS B 76 -22.64 -22.41 34.88
C HIS B 76 -21.43 -21.83 34.14
N VAL B 77 -20.77 -20.87 34.77
CA VAL B 77 -19.58 -20.24 34.14
C VAL B 77 -18.48 -21.28 33.95
N GLU B 78 -18.25 -22.07 34.98
CA GLU B 78 -17.30 -23.17 34.88
C GLU B 78 -17.62 -24.11 33.74
N ASP B 79 -18.90 -24.44 33.58
CA ASP B 79 -19.32 -25.34 32.51
C ASP B 79 -19.10 -24.73 31.13
N VAL B 80 -19.39 -23.43 30.99
CA VAL B 80 -19.23 -22.76 29.71
C VAL B 80 -17.76 -22.83 29.32
N VAL B 81 -16.88 -22.48 30.25
CA VAL B 81 -15.44 -22.49 29.97
C VAL B 81 -14.94 -23.92 29.72
N ALA B 82 -15.45 -24.88 30.51
CA ALA B 82 -15.00 -26.25 30.33
C ALA B 82 -15.36 -26.80 28.94
N GLU B 83 -16.53 -26.42 28.42
CA GLU B 83 -16.96 -26.87 27.11
C GLU B 83 -16.03 -26.31 26.01
N TYR B 84 -15.73 -25.02 26.11
CA TYR B 84 -14.78 -24.41 25.17
C TYR B 84 -13.41 -25.06 25.24
N VAL B 85 -12.94 -25.37 26.46
CA VAL B 85 -11.64 -26.05 26.58
C VAL B 85 -11.68 -27.43 25.90
N GLN B 86 -12.76 -28.19 26.16
CA GLN B 86 -12.92 -29.48 25.49
C GLN B 86 -12.87 -29.35 23.96
N LEU B 87 -13.60 -28.38 23.40
CA LEU B 87 -13.58 -28.17 21.94
C LEU B 87 -12.18 -27.78 21.44
N ALA B 88 -11.47 -26.97 22.22
CA ALA B 88 -10.10 -26.61 21.85
C ALA B 88 -9.16 -27.81 21.83
N GLU B 89 -9.34 -28.71 22.80
CA GLU B 89 -8.58 -29.97 22.85
C GLU B 89 -8.89 -30.82 21.64
N GLN B 90 -10.17 -30.88 21.26
CA GLN B 90 -10.57 -31.67 20.08
C GLN B 90 -9.96 -31.09 18.79
N ARG B 91 -9.81 -29.76 18.76
CA ARG B 91 -9.21 -29.08 17.63
C ARG B 91 -7.73 -29.39 17.46
N GLY B 92 -7.11 -29.85 18.56
CA GLY B 92 -5.71 -30.25 18.57
C GLY B 92 -4.78 -29.25 19.23
N VAL B 93 -5.33 -28.25 19.91
CA VAL B 93 -4.47 -27.29 20.62
C VAL B 93 -3.73 -28.04 21.76
N ASN B 94 -2.41 -27.95 21.75
CA ASN B 94 -1.57 -28.71 22.70
C ASN B 94 -1.63 -28.22 24.15
N GLN B 95 -1.79 -26.92 24.35
CA GLN B 95 -1.85 -26.41 25.69
CA GLN B 95 -1.79 -26.36 25.67
C GLN B 95 -2.98 -25.42 25.80
N VAL B 96 -4.02 -25.83 26.50
CA VAL B 96 -5.20 -25.01 26.67
C VAL B 96 -5.63 -25.09 28.13
N GLU B 97 -5.90 -23.93 28.73
CA GLU B 97 -6.34 -23.97 30.13
C GLU B 97 -7.52 -23.06 30.43
N PRO B 98 -8.37 -23.52 31.37
CA PRO B 98 -9.50 -22.72 31.81
C PRO B 98 -9.06 -21.63 32.76
N LEU B 99 -9.67 -20.45 32.61
CA LEU B 99 -9.37 -19.30 33.45
C LEU B 99 -10.66 -18.65 33.95
N VAL B 100 -11.24 -19.17 35.02
CA VAL B 100 -12.47 -18.63 35.58
C VAL B 100 -12.12 -17.69 36.72
N TYR B 101 -12.48 -16.42 36.58
CA TYR B 101 -12.19 -15.39 37.55
C TYR B 101 -13.47 -14.76 38.09
N GLU B 102 -13.36 -14.05 39.21
CA GLU B 102 -14.55 -13.52 39.87
C GLU B 102 -14.29 -12.05 40.20
N GLY B 103 -15.29 -11.19 40.02
CA GLY B 103 -15.09 -9.81 40.45
C GLY B 103 -16.25 -8.89 40.17
N GLY B 104 -16.11 -7.66 40.65
CA GLY B 104 -17.12 -6.59 40.52
C GLY B 104 -17.28 -6.03 39.12
N ASP B 105 -16.15 -5.62 38.53
CA ASP B 105 -16.16 -5.13 37.16
C ASP B 105 -15.28 -6.01 36.33
N VAL B 106 -15.92 -6.62 35.34
CA VAL B 106 -15.23 -7.54 34.45
CA VAL B 106 -15.24 -7.53 34.44
C VAL B 106 -14.01 -6.89 33.78
N ASP B 107 -14.10 -5.62 33.40
CA ASP B 107 -12.97 -4.99 32.67
C ASP B 107 -11.76 -4.98 33.58
N ASP B 108 -11.96 -4.58 34.83
CA ASP B 108 -10.84 -4.57 35.78
C ASP B 108 -10.34 -5.97 36.12
N VAL B 109 -11.22 -6.94 36.18
CA VAL B 109 -10.78 -8.32 36.44
C VAL B 109 -9.84 -8.77 35.30
N ILE B 110 -10.23 -8.49 34.05
CA ILE B 110 -9.38 -8.89 32.93
C ILE B 110 -8.07 -8.11 32.92
N LEU B 111 -8.15 -6.81 33.11
CA LEU B 111 -6.96 -5.98 32.98
C LEU B 111 -6.00 -6.08 34.17
N GLU B 112 -6.56 -6.23 35.38
CA GLU B 112 -5.75 -6.22 36.62
C GLU B 112 -5.40 -7.58 37.17
N GLN B 113 -6.16 -8.61 36.81
CA GLN B 113 -5.90 -9.95 37.28
C GLN B 113 -5.55 -10.91 36.15
N VAL B 114 -6.42 -11.07 35.15
CA VAL B 114 -6.19 -12.14 34.16
C VAL B 114 -4.97 -11.87 33.30
N ILE B 115 -4.88 -10.67 32.74
CA ILE B 115 -3.75 -10.35 31.85
C ILE B 115 -2.42 -10.44 32.62
N PRO B 116 -2.33 -9.80 33.81
CA PRO B 116 -1.02 -9.95 34.48
C PRO B 116 -0.66 -11.34 34.95
N GLU B 117 -1.65 -12.18 35.25
CA GLU B 117 -1.38 -13.53 35.76
C GLU B 117 -1.07 -14.50 34.63
N PHE B 118 -1.90 -14.47 33.57
CA PHE B 118 -1.72 -15.39 32.47
C PHE B 118 -0.66 -14.90 31.45
N LYS B 119 -0.40 -13.60 31.43
CA LYS B 119 0.61 -12.98 30.52
C LYS B 119 0.40 -13.28 29.04
N PRO B 120 -0.83 -13.07 28.55
CA PRO B 120 -1.00 -13.25 27.11
C PRO B 120 -0.37 -12.08 26.37
N ASP B 121 -0.09 -12.26 25.09
CA ASP B 121 0.30 -11.12 24.25
C ASP B 121 -0.82 -10.79 23.24
N LEU B 122 -1.87 -11.61 23.21
CA LEU B 122 -3.04 -11.33 22.36
C LEU B 122 -4.31 -11.69 23.12
N LEU B 123 -5.26 -10.76 23.18
CA LEU B 123 -6.60 -11.01 23.70
C LEU B 123 -7.56 -11.11 22.54
N VAL B 124 -8.29 -12.23 22.48
CA VAL B 124 -9.29 -12.44 21.42
C VAL B 124 -10.67 -12.43 22.05
N THR B 125 -11.64 -11.76 21.43
CA THR B 125 -13.02 -11.92 21.89
C THR B 125 -13.99 -11.63 20.79
N GLY B 126 -15.15 -12.25 20.83
CA GLY B 126 -16.16 -11.93 19.84
C GLY B 126 -16.71 -10.54 20.05
N ALA B 127 -17.17 -9.95 18.96
CA ALA B 127 -17.75 -8.59 19.04
C ALA B 127 -19.01 -8.51 19.90
N ASP B 128 -19.66 -9.65 20.14
CA ASP B 128 -20.90 -9.64 20.92
C ASP B 128 -20.68 -9.91 22.40
N THR B 129 -19.45 -10.32 22.78
CA THR B 129 -19.18 -10.70 24.19
C THR B 129 -19.47 -9.51 25.11
N GLU B 130 -20.26 -9.76 26.14
CA GLU B 130 -20.66 -8.74 27.07
C GLU B 130 -21.10 -9.38 28.38
N PHE B 131 -21.05 -8.58 29.42
CA PHE B 131 -21.41 -9.03 30.76
C PHE B 131 -22.38 -8.03 31.32
N PRO B 132 -23.53 -8.48 31.83
CA PRO B 132 -24.61 -7.54 32.08
C PRO B 132 -24.36 -6.58 33.19
N HIS B 133 -23.42 -6.87 34.08
CA HIS B 133 -23.20 -5.93 35.16
C HIS B 133 -21.88 -5.21 35.11
N SER B 134 -21.26 -5.21 33.92
CA SER B 134 -20.06 -4.40 33.74
C SER B 134 -20.33 -2.91 33.98
N LYS B 135 -19.33 -2.21 34.52
CA LYS B 135 -19.52 -0.80 34.86
C LYS B 135 -19.97 0.02 33.65
N ILE B 136 -19.31 -0.21 32.51
CA ILE B 136 -19.74 0.36 31.25
C ILE B 136 -20.48 -0.75 30.52
N ALA B 137 -21.69 -0.46 30.06
CA ALA B 137 -22.53 -1.46 29.42
C ALA B 137 -22.09 -1.74 27.99
N GLY B 138 -22.29 -2.98 27.55
CA GLY B 138 -22.16 -3.30 26.12
C GLY B 138 -20.94 -4.12 25.79
N ALA B 139 -20.60 -4.20 24.51
CA ALA B 139 -19.55 -5.15 24.07
C ALA B 139 -18.19 -4.82 24.69
N ILE B 140 -17.61 -5.82 25.36
CA ILE B 140 -16.35 -5.60 26.07
C ILE B 140 -15.14 -5.48 25.11
N GLY B 141 -15.19 -6.14 23.92
CA GLY B 141 -14.00 -6.18 23.08
C GLY B 141 -13.42 -4.82 22.73
N PRO B 142 -14.25 -3.91 22.22
CA PRO B 142 -13.71 -2.61 21.86
C PRO B 142 -13.18 -1.83 23.06
N ARG B 143 -13.77 -2.02 24.24
CA ARG B 143 -13.25 -1.36 25.45
C ARG B 143 -11.85 -1.89 25.78
N LEU B 144 -11.69 -3.21 25.69
CA LEU B 144 -10.38 -3.80 25.90
C LEU B 144 -9.37 -3.37 24.82
N ALA B 145 -9.83 -3.26 23.57
CA ALA B 145 -8.95 -2.76 22.53
C ALA B 145 -8.38 -1.40 22.86
N ARG B 146 -9.20 -0.55 23.51
CA ARG B 146 -8.77 0.78 23.90
C ARG B 146 -7.80 0.76 25.12
N LYS B 147 -8.10 -0.06 26.13
CA LYS B 147 -7.50 0.03 27.45
C LYS B 147 -6.37 -0.96 27.73
N ALA B 148 -6.34 -2.08 27.01
CA ALA B 148 -5.36 -3.13 27.32
C ALA B 148 -3.98 -2.75 26.82
N PRO B 149 -2.93 -3.24 27.51
CA PRO B 149 -1.56 -2.93 27.08
C PRO B 149 -1.00 -3.92 26.09
N ILE B 150 -1.85 -4.80 25.59
CA ILE B 150 -1.47 -5.83 24.63
C ILE B 150 -2.35 -5.70 23.39
N SER B 151 -2.03 -6.46 22.37
CA SER B 151 -2.86 -6.53 21.17
C SER B 151 -4.25 -7.14 21.50
N VAL B 152 -5.30 -6.65 20.83
CA VAL B 152 -6.66 -7.10 21.04
C VAL B 152 -7.33 -7.25 19.69
N ILE B 153 -7.89 -8.44 19.43
CA ILE B 153 -8.69 -8.62 18.23
C ILE B 153 -10.14 -8.84 18.66
N VAL B 154 -11.01 -8.07 18.02
CA VAL B 154 -12.43 -8.16 18.20
C VAL B 154 -12.95 -8.84 16.96
N VAL B 155 -13.45 -10.07 17.13
CA VAL B 155 -13.79 -10.93 15.98
C VAL B 155 -15.26 -10.84 15.64
N ARG B 156 -15.55 -10.71 14.35
CA ARG B 156 -16.93 -10.80 13.85
C ARG B 156 -17.03 -11.92 12.86
N GLN C 7 7.52 19.58 -12.42
CA GLN C 7 7.60 18.14 -12.07
C GLN C 7 8.14 17.93 -10.63
N LYS C 8 9.27 17.22 -10.55
CA LYS C 8 9.98 17.02 -9.30
C LYS C 8 10.58 18.34 -8.83
N GLN C 10 9.30 21.11 -9.01
CA GLN C 10 8.19 21.88 -8.50
C GLN C 10 7.53 21.35 -7.23
N GLU C 11 7.85 20.11 -6.85
CA GLU C 11 7.18 19.48 -5.72
C GLU C 11 7.54 20.23 -4.44
N PRO C 12 6.55 20.61 -3.61
CA PRO C 12 6.88 21.26 -2.35
C PRO C 12 7.87 20.44 -1.51
N LEU C 13 8.79 21.13 -0.87
CA LEU C 13 9.63 20.48 0.15
C LEU C 13 9.32 21.09 1.50
N VAL C 14 8.75 20.26 2.36
CA VAL C 14 8.45 20.61 3.72
C VAL C 14 9.07 19.49 4.57
N TYR C 15 10.05 19.84 5.41
CA TYR C 15 10.69 18.82 6.24
C TYR C 15 9.66 18.13 7.14
N ARG C 16 9.82 16.81 7.29
CA ARG C 16 8.83 16.00 7.98
C ARG C 16 9.07 15.79 9.49
N ARG C 17 10.33 15.88 9.92
CA ARG C 17 10.67 15.56 11.31
C ARG C 17 11.88 16.38 11.68
N ILE C 18 11.68 17.28 12.63
CA ILE C 18 12.70 18.29 12.95
C ILE C 18 13.42 17.95 14.26
N LEU C 19 14.74 17.97 14.21
CA LEU C 19 15.59 17.74 15.39
C LEU C 19 16.29 19.03 15.75
N LEU C 20 15.96 19.61 16.90
CA LEU C 20 16.65 20.80 17.40
C LEU C 20 17.70 20.35 18.41
N THR C 21 18.96 20.71 18.20
CA THR C 21 20.03 20.34 19.16
C THR C 21 20.37 21.57 19.95
N VAL C 22 20.40 21.43 21.29
CA VAL C 22 20.66 22.57 22.16
C VAL C 22 21.74 22.25 23.21
N ASP C 23 22.37 23.31 23.71
CA ASP C 23 23.15 23.24 24.96
C ASP C 23 22.46 24.06 26.03
N GLU C 24 23.14 24.31 27.15
CA GLU C 24 22.50 25.01 28.29
C GLU C 24 22.46 26.55 28.13
N ASP C 25 23.17 27.08 27.13
CA ASP C 25 23.34 28.56 27.02
C ASP C 25 22.21 29.21 26.24
N ASP C 26 21.74 30.33 26.76
CA ASP C 26 20.64 31.09 26.19
C ASP C 26 21.24 32.33 25.52
N ASN C 27 21.36 32.32 24.19
CA ASN C 27 21.99 33.41 23.42
C ASN C 27 21.12 33.73 22.21
N THR C 28 21.48 34.73 21.42
CA THR C 28 20.66 35.13 20.25
CA THR C 28 20.61 35.10 20.30
C THR C 28 20.47 33.95 19.31
N SER C 29 21.56 33.20 19.06
CA SER C 29 21.51 32.12 18.07
CA SER C 29 21.49 32.14 18.06
C SER C 29 20.61 30.98 18.55
N SER C 30 20.70 30.65 19.84
CA SER C 30 19.89 29.54 20.39
C SER C 30 18.40 29.92 20.40
N GLU C 31 18.11 31.19 20.72
CA GLU C 31 16.73 31.67 20.72
C GLU C 31 16.16 31.58 19.32
N ARG C 32 16.93 32.08 18.33
CA ARG C 32 16.46 32.03 16.94
C ARG C 32 16.35 30.58 16.45
N ALA C 33 17.26 29.69 16.84
CA ALA C 33 17.16 28.29 16.43
C ALA C 33 15.86 27.67 16.94
N PHE C 34 15.56 27.90 18.23
CA PHE C 34 14.33 27.38 18.80
C PHE C 34 13.10 27.96 18.08
N ARG C 35 13.10 29.27 17.87
CA ARG C 35 11.99 29.90 17.19
C ARG C 35 11.81 29.40 15.76
N TYR C 36 12.91 29.19 15.02
CA TYR C 36 12.76 28.67 13.66
C TYR C 36 12.19 27.24 13.74
N ALA C 37 12.77 26.40 14.60
CA ALA C 37 12.35 24.99 14.66
C ALA C 37 10.88 24.89 15.05
N THR C 38 10.46 25.70 16.05
CA THR C 38 9.08 25.62 16.49
C THR C 38 8.09 26.28 15.52
N THR C 39 8.53 27.32 14.79
CA THR C 39 7.69 27.93 13.76
C THR C 39 7.46 26.96 12.63
N LEU C 40 8.51 26.29 12.18
CA LEU C 40 8.38 25.24 11.17
C LEU C 40 7.41 24.14 11.66
N ALA C 41 7.66 23.62 12.86
CA ALA C 41 6.83 22.51 13.38
C ALA C 41 5.37 22.93 13.57
N HIS C 42 5.15 24.15 14.05
CA HIS C 42 3.78 24.65 14.18
C HIS C 42 3.12 24.91 12.81
N ASP C 43 3.79 25.65 11.93
CA ASP C 43 3.16 26.05 10.67
C ASP C 43 2.85 24.88 9.76
N TYR C 44 3.70 23.84 9.79
CA TYR C 44 3.53 22.71 8.88
C TYR C 44 2.99 21.46 9.58
N ASP C 45 2.82 21.56 10.91
CA ASP C 45 2.26 20.46 11.72
C ASP C 45 3.10 19.19 11.58
N VAL C 46 4.35 19.31 11.99
CA VAL C 46 5.28 18.18 11.94
C VAL C 46 5.97 17.99 13.28
N PRO C 47 6.41 16.75 13.59
CA PRO C 47 7.01 16.55 14.90
C PRO C 47 8.36 17.20 15.11
N LEU C 48 8.62 17.51 16.37
CA LEU C 48 9.86 18.15 16.82
C LEU C 48 10.47 17.36 17.95
N GLY C 49 11.79 17.14 17.86
CA GLY C 49 12.53 16.53 18.97
C GLY C 49 13.55 17.55 19.43
N ILE C 50 13.79 17.62 20.74
CA ILE C 50 14.74 18.61 21.25
C ILE C 50 15.78 17.84 22.02
N CYS C 51 16.99 17.84 21.48
CA CYS C 51 18.07 17.00 21.95
CA CYS C 51 18.05 17.00 22.03
C CYS C 51 19.18 17.76 22.63
N SER C 52 19.79 17.12 23.63
CA SER C 52 21.09 17.54 24.09
C SER C 52 21.89 16.31 24.48
N VAL C 53 23.20 16.48 24.66
CA VAL C 53 24.07 15.35 24.99
C VAL C 53 24.87 15.69 26.23
N LEU C 54 24.66 14.89 27.28
CA LEU C 54 25.29 15.08 28.59
C LEU C 54 26.70 14.48 28.67
N GLU C 55 27.51 15.10 29.52
CA GLU C 55 28.76 14.47 29.93
C GLU C 55 28.46 13.40 30.99
N SER C 56 29.18 12.29 30.90
CA SER C 56 29.04 11.27 31.94
CA SER C 56 29.06 11.23 31.89
C SER C 56 30.24 11.29 32.84
N GLU C 57 30.07 10.74 34.02
CA GLU C 57 31.20 10.54 34.94
C GLU C 57 32.15 9.49 34.34
N ASP C 58 33.43 9.64 34.67
CA ASP C 58 34.49 8.77 34.17
C ASP C 58 35.00 7.99 35.37
N ILE C 59 34.93 6.66 35.31
CA ILE C 59 35.31 5.84 36.49
C ILE C 59 36.78 6.01 36.88
N ASN C 60 37.59 6.51 35.94
CA ASN C 60 39.01 6.75 36.20
C ASN C 60 39.31 8.12 36.81
N ILE C 61 38.29 8.97 36.94
CA ILE C 61 38.45 10.31 37.51
C ILE C 61 37.64 10.35 38.79
N PHE C 62 38.36 10.28 39.92
CA PHE C 62 37.76 10.18 41.24
C PHE C 62 38.29 11.25 42.18
N ASP C 63 37.39 12.12 42.60
CA ASP C 63 37.70 13.16 43.58
C ASP C 63 36.39 13.64 44.19
N SER C 64 36.45 14.54 45.16
CA SER C 64 35.22 14.95 45.85
C SER C 64 34.35 15.96 45.10
N LEU C 65 34.93 16.73 44.18
CA LEU C 65 34.18 17.82 43.55
C LEU C 65 33.57 17.42 42.20
N THR C 66 34.33 16.67 41.43
CA THR C 66 33.93 16.30 40.08
C THR C 66 32.49 15.73 40.00
N PRO C 67 32.13 14.76 40.90
CA PRO C 67 30.76 14.25 40.83
C PRO C 67 29.68 15.33 40.99
N SER C 68 29.86 16.29 41.89
CA SER C 68 28.86 17.34 42.04
C SER C 68 28.80 18.21 40.80
N LYS C 69 29.96 18.58 40.28
CA LYS C 69 30.05 19.35 39.05
C LYS C 69 29.32 18.70 37.90
N ILE C 70 29.61 17.41 37.66
CA ILE C 70 28.99 16.74 36.51
C ILE C 70 27.50 16.51 36.75
N GLN C 71 27.13 16.11 37.96
CA GLN C 71 25.71 15.89 38.26
C GLN C 71 24.89 17.15 38.16
N ALA C 72 25.44 18.28 38.60
CA ALA C 72 24.72 19.54 38.54
C ALA C 72 24.58 20.00 37.07
N LYS C 73 25.61 19.76 36.29
CA LYS C 73 25.55 20.15 34.87
C LYS C 73 24.49 19.31 34.16
N ARG C 74 24.42 18.02 34.48
CA ARG C 74 23.44 17.13 33.84
C ARG C 74 22.03 17.58 34.18
N LYS C 75 21.79 17.91 35.44
CA LYS C 75 20.48 18.39 35.85
C LYS C 75 20.14 19.72 35.18
N HIS C 76 21.12 20.62 35.05
CA HIS C 76 20.91 21.88 34.36
C HIS C 76 20.47 21.66 32.92
N VAL C 77 21.18 20.78 32.23
CA VAL C 77 20.82 20.50 30.82
C VAL C 77 19.43 19.84 30.73
N GLU C 78 19.14 18.88 31.60
CA GLU C 78 17.81 18.26 31.65
C GLU C 78 16.74 19.30 31.87
N ASP C 79 17.00 20.25 32.78
CA ASP C 79 16.06 21.32 33.05
C ASP C 79 15.81 22.17 31.80
N VAL C 80 16.88 22.50 31.08
CA VAL C 80 16.81 23.36 29.90
C VAL C 80 16.00 22.65 28.79
N VAL C 81 16.27 21.36 28.58
CA VAL C 81 15.54 20.61 27.57
C VAL C 81 14.05 20.55 27.93
N ALA C 82 13.75 20.27 29.19
CA ALA C 82 12.36 20.24 29.64
C ALA C 82 11.67 21.59 29.43
N GLU C 83 12.41 22.67 29.69
CA GLU C 83 11.82 23.99 29.54
C GLU C 83 11.55 24.29 28.05
N TYR C 84 12.49 23.95 27.19
CA TYR C 84 12.28 24.11 25.76
C TYR C 84 11.04 23.31 25.27
N VAL C 85 10.89 22.09 25.75
CA VAL C 85 9.72 21.30 25.36
C VAL C 85 8.44 21.97 25.81
N GLN C 86 8.38 22.46 27.05
CA GLN C 86 7.18 23.15 27.52
C GLN C 86 6.89 24.43 26.71
N LEU C 87 7.95 25.18 26.36
CA LEU C 87 7.78 26.39 25.53
C LEU C 87 7.24 26.02 24.15
N ALA C 88 7.72 24.90 23.59
CA ALA C 88 7.25 24.47 22.28
C ALA C 88 5.77 24.07 22.33
N GLU C 89 5.35 23.41 23.41
CA GLU C 89 3.92 23.10 23.58
C GLU C 89 3.10 24.40 23.71
N GLN C 90 3.60 25.38 24.47
CA GLN C 90 2.88 26.65 24.58
C GLN C 90 2.76 27.35 23.24
N ARG C 91 3.78 27.17 22.41
CA ARG C 91 3.81 27.79 21.09
C ARG C 91 2.79 27.18 20.16
N GLY C 92 2.27 26.01 20.56
CA GLY C 92 1.25 25.29 19.78
C GLY C 92 1.82 24.15 18.93
N VAL C 93 3.07 23.75 19.18
CA VAL C 93 3.58 22.54 18.53
C VAL C 93 2.85 21.31 19.06
N ASN C 94 2.21 20.57 18.15
CA ASN C 94 1.38 19.44 18.56
C ASN C 94 2.15 18.22 19.03
N GLN C 95 3.34 18.00 18.45
CA GLN C 95 4.16 16.84 18.79
C GLN C 95 5.59 17.26 19.06
N VAL C 96 5.97 17.22 20.33
CA VAL C 96 7.32 17.62 20.74
C VAL C 96 7.80 16.69 21.82
N GLU C 97 9.05 16.27 21.71
CA GLU C 97 9.58 15.33 22.70
C GLU C 97 11.01 15.66 23.04
N PRO C 98 11.39 15.35 24.29
CA PRO C 98 12.80 15.53 24.71
C PRO C 98 13.66 14.34 24.29
N LEU C 99 14.92 14.61 23.96
CA LEU C 99 15.86 13.60 23.52
C LEU C 99 17.20 13.80 24.23
N VAL C 100 17.28 13.40 25.48
CA VAL C 100 18.49 13.63 26.26
C VAL C 100 19.35 12.37 26.19
N TYR C 101 20.55 12.50 25.64
CA TYR C 101 21.48 11.40 25.48
C TYR C 101 22.76 11.75 26.23
N GLU C 102 23.74 10.84 26.25
CA GLU C 102 25.00 11.07 26.97
CA GLU C 102 25.01 11.14 26.91
C GLU C 102 26.18 10.46 26.22
N GLY C 103 27.36 11.04 26.38
CA GLY C 103 28.58 10.45 25.80
C GLY C 103 29.68 11.46 25.63
N GLY C 104 30.91 10.96 25.51
CA GLY C 104 32.08 11.82 25.35
C GLY C 104 32.35 12.36 23.95
N ASP C 105 31.72 11.74 22.95
CA ASP C 105 31.85 12.20 21.58
C ASP C 105 30.46 12.61 21.12
N VAL C 106 30.15 13.88 21.28
CA VAL C 106 28.80 14.37 21.02
C VAL C 106 28.46 14.21 19.55
N ASP C 107 29.40 14.50 18.66
CA ASP C 107 29.17 14.34 17.23
C ASP C 107 28.71 12.91 16.91
N ASP C 108 29.43 11.92 17.46
CA ASP C 108 29.12 10.53 17.27
C ASP C 108 27.77 10.15 17.90
N VAL C 109 27.46 10.70 19.07
CA VAL C 109 26.17 10.41 19.72
C VAL C 109 25.03 10.92 18.83
N ILE C 110 25.17 12.13 18.29
CA ILE C 110 24.11 12.69 17.43
C ILE C 110 23.98 11.88 16.15
N LEU C 111 25.12 11.60 15.53
CA LEU C 111 25.14 10.90 14.21
C LEU C 111 24.73 9.44 14.30
N GLU C 112 25.12 8.75 15.37
CA GLU C 112 24.96 7.29 15.45
C GLU C 112 23.84 6.85 16.35
N GLN C 113 23.39 7.72 17.25
CA GLN C 113 22.31 7.35 18.16
C GLN C 113 21.07 8.22 17.94
N VAL C 114 21.22 9.54 18.03
CA VAL C 114 20.02 10.40 18.00
C VAL C 114 19.32 10.36 16.64
N ILE C 115 20.08 10.61 15.57
CA ILE C 115 19.51 10.63 14.24
C ILE C 115 18.87 9.27 13.85
N PRO C 116 19.62 8.15 14.00
CA PRO C 116 18.97 6.87 13.68
C PRO C 116 17.73 6.55 14.53
N GLU C 117 17.64 7.07 15.75
CA GLU C 117 16.50 6.82 16.61
C GLU C 117 15.27 7.70 16.35
N PHE C 118 15.47 9.00 16.28
CA PHE C 118 14.39 9.94 16.09
C PHE C 118 14.04 10.08 14.60
N LYS C 119 15.02 9.79 13.73
CA LYS C 119 14.84 9.82 12.28
CA LYS C 119 14.83 9.81 12.27
C LYS C 119 14.36 11.18 11.78
N PRO C 120 15.09 12.24 12.13
CA PRO C 120 14.76 13.54 11.55
C PRO C 120 15.19 13.65 10.09
N ASP C 121 14.58 14.56 9.35
CA ASP C 121 15.14 14.96 8.05
C ASP C 121 15.76 16.35 8.04
N LEU C 122 15.65 17.06 9.16
CA LEU C 122 16.32 18.37 9.31
C LEU C 122 16.86 18.46 10.72
N LEU C 123 18.13 18.85 10.85
CA LEU C 123 18.73 19.16 12.14
C LEU C 123 18.90 20.67 12.21
N VAL C 124 18.41 21.27 13.30
CA VAL C 124 18.50 22.71 13.52
C VAL C 124 19.37 22.92 14.74
N THR C 125 20.33 23.84 14.66
CA THR C 125 21.05 24.22 15.86
C THR C 125 21.55 25.65 15.75
N GLY C 126 21.63 26.31 16.90
CA GLY C 126 22.25 27.64 16.90
C GLY C 126 23.73 27.60 16.57
N ALA C 127 24.23 28.69 15.99
CA ALA C 127 25.65 28.78 15.64
C ALA C 127 26.59 28.76 16.83
N ASP C 128 26.10 29.10 18.00
CA ASP C 128 26.93 29.06 19.20
C ASP C 128 26.84 27.77 20.00
N THR C 129 26.02 26.81 19.56
CA THR C 129 25.88 25.56 20.30
C THR C 129 27.21 24.82 20.32
N GLU C 130 27.65 24.43 21.53
CA GLU C 130 28.95 23.80 21.65
C GLU C 130 28.98 22.92 22.88
N PHE C 131 29.81 21.89 22.80
CA PHE C 131 29.97 20.93 23.89
C PHE C 131 31.46 20.79 24.26
N PRO C 132 31.95 21.64 25.17
CA PRO C 132 33.37 21.59 25.55
C PRO C 132 33.84 20.27 26.13
N HIS C 133 32.93 19.43 26.65
CA HIS C 133 33.33 18.08 27.13
C HIS C 133 33.64 17.13 26.00
N SER C 134 33.25 17.49 24.78
CA SER C 134 33.38 16.58 23.66
C SER C 134 34.77 16.54 23.09
N LYS C 135 35.02 15.45 22.35
CA LYS C 135 36.27 15.22 21.64
C LYS C 135 36.78 16.40 20.82
N ILE C 136 35.90 17.04 20.03
CA ILE C 136 36.28 18.18 19.18
CA ILE C 136 36.31 18.18 19.21
C ILE C 136 35.70 19.48 19.71
N ALA C 137 36.54 20.50 19.88
CA ALA C 137 36.09 21.79 20.42
C ALA C 137 35.55 22.69 19.33
N GLY C 138 34.69 23.62 19.72
CA GLY C 138 34.13 24.58 18.81
C GLY C 138 32.67 24.31 18.52
N ALA C 139 32.06 25.23 17.78
CA ALA C 139 30.64 25.14 17.42
C ALA C 139 30.36 23.84 16.66
N ILE C 140 29.36 23.10 17.13
CA ILE C 140 29.05 21.80 16.54
C ILE C 140 28.28 21.90 15.21
N GLY C 141 27.54 22.98 15.03
CA GLY C 141 26.67 23.09 13.88
C GLY C 141 27.33 22.90 12.53
N PRO C 142 28.39 23.67 12.26
CA PRO C 142 29.03 23.51 10.93
C PRO C 142 29.64 22.12 10.71
N ARG C 143 30.13 21.49 11.78
CA ARG C 143 30.61 20.08 11.70
C ARG C 143 29.49 19.12 11.31
N LEU C 144 28.33 19.26 11.97
CA LEU C 144 27.17 18.45 11.59
C LEU C 144 26.70 18.76 10.17
N ALA C 145 26.79 20.04 9.74
CA ALA C 145 26.41 20.38 8.39
C ALA C 145 27.27 19.63 7.39
N ARG C 146 28.54 19.41 7.75
CA ARG C 146 29.45 18.67 6.87
C ARG C 146 29.21 17.15 6.90
N LYS C 147 28.97 16.61 8.10
CA LYS C 147 29.05 15.14 8.31
C LYS C 147 27.70 14.43 8.31
N ALA C 148 26.62 15.14 8.59
CA ALA C 148 25.33 14.48 8.73
C ALA C 148 24.79 14.03 7.39
N PRO C 149 23.96 12.98 7.37
CA PRO C 149 23.37 12.51 6.13
C PRO C 149 22.07 13.19 5.74
N ILE C 150 21.67 14.17 6.53
CA ILE C 150 20.43 14.92 6.38
C ILE C 150 20.75 16.42 6.26
N SER C 151 19.71 17.19 5.97
CA SER C 151 19.82 18.66 5.93
C SER C 151 20.14 19.22 7.30
N VAL C 152 20.99 20.26 7.36
CA VAL C 152 21.35 20.90 8.62
C VAL C 152 21.26 22.41 8.43
N ILE C 153 20.57 23.09 9.35
CA ILE C 153 20.56 24.54 9.37
C ILE C 153 21.25 25.02 10.61
N VAL C 154 22.24 25.89 10.40
CA VAL C 154 22.97 26.55 11.48
C VAL C 154 22.40 27.95 11.56
N VAL C 155 21.73 28.23 12.68
CA VAL C 155 20.94 29.44 12.84
C VAL C 155 21.72 30.51 13.54
N ARG C 156 21.68 31.72 12.99
CA ARG C 156 22.23 32.92 13.63
C ARG C 156 21.13 33.94 13.74
N GLU D 5 10.93 36.86 28.68
CA GLU D 5 11.61 35.62 28.18
C GLU D 5 10.63 34.61 27.58
N ASN D 6 9.61 34.19 28.35
CA ASN D 6 8.56 33.34 27.81
C ASN D 6 8.07 33.94 26.51
N GLN D 7 7.72 35.23 26.52
CA GLN D 7 7.20 35.94 25.36
C GLN D 7 8.19 35.95 24.17
N LYS D 8 9.45 36.23 24.48
CA LYS D 8 10.52 36.29 23.49
C LYS D 8 10.61 34.94 22.78
N GLN D 10 8.49 32.72 22.28
CA GLN D 10 7.26 32.36 21.57
C GLN D 10 7.11 33.12 20.26
N GLU D 11 7.89 34.17 20.03
CA GLU D 11 7.70 34.97 18.81
C GLU D 11 8.02 34.13 17.56
N PRO D 12 7.12 34.09 16.56
CA PRO D 12 7.45 33.35 15.32
C PRO D 12 8.73 33.85 14.67
N LEU D 13 9.41 32.95 13.96
CA LEU D 13 10.59 33.35 13.18
C LEU D 13 10.38 32.91 11.76
N VAL D 14 10.40 33.87 10.84
CA VAL D 14 10.30 33.64 9.40
C VAL D 14 11.49 34.36 8.75
N TYR D 15 12.24 33.64 7.93
CA TYR D 15 13.33 34.27 7.17
C TYR D 15 12.72 35.18 6.08
N ARG D 16 13.27 36.39 6.00
CA ARG D 16 12.70 37.45 5.17
C ARG D 16 13.33 37.62 3.81
N ARG D 17 14.57 37.16 3.62
CA ARG D 17 15.21 37.36 2.33
C ARG D 17 16.14 36.16 2.10
N ILE D 18 15.84 35.38 1.09
CA ILE D 18 16.47 34.06 0.89
C ILE D 18 17.47 34.09 -0.25
N LEU D 19 18.67 33.61 0.02
CA LEU D 19 19.70 33.50 -1.00
C LEU D 19 20.03 32.05 -1.28
N LEU D 20 19.68 31.57 -2.46
CA LEU D 20 20.04 30.22 -2.91
C LEU D 20 21.32 30.29 -3.74
N THR D 21 22.35 29.55 -3.36
CA THR D 21 23.59 29.47 -4.12
C THR D 21 23.59 28.18 -4.94
N VAL D 22 23.89 28.28 -6.23
CA VAL D 22 23.86 27.14 -7.15
C VAL D 22 25.15 26.99 -7.96
N ASP D 23 25.48 25.76 -8.34
CA ASP D 23 26.55 25.50 -9.31
C ASP D 23 25.89 24.94 -10.57
N GLU D 24 26.67 24.35 -11.48
CA GLU D 24 26.11 23.86 -12.73
C GLU D 24 25.75 22.37 -12.70
N ASP D 25 25.98 21.72 -11.56
CA ASP D 25 25.79 20.27 -11.46
C ASP D 25 24.37 19.93 -11.04
N ASP D 26 23.94 18.73 -11.40
CA ASP D 26 22.65 18.20 -11.02
C ASP D 26 22.83 17.04 -10.03
N ASN D 27 22.10 17.10 -8.94
CA ASN D 27 22.09 16.00 -7.97
C ASN D 27 20.91 16.19 -7.03
N THR D 28 20.69 15.20 -6.18
CA THR D 28 19.55 15.20 -5.29
C THR D 28 19.60 16.40 -4.34
N SER D 29 20.80 16.71 -3.85
CA SER D 29 20.93 17.83 -2.91
C SER D 29 20.61 19.18 -3.57
N SER D 30 21.00 19.35 -4.84
CA SER D 30 20.69 20.61 -5.52
CA SER D 30 20.68 20.57 -5.61
C SER D 30 19.18 20.74 -5.79
N GLU D 31 18.53 19.65 -6.15
CA GLU D 31 17.09 19.69 -6.39
C GLU D 31 16.38 20.04 -5.09
N ARG D 32 16.80 19.40 -3.99
CA ARG D 32 16.13 19.65 -2.72
C ARG D 32 16.44 21.06 -2.17
N ALA D 33 17.64 21.57 -2.39
CA ALA D 33 17.94 22.95 -1.99
C ALA D 33 17.02 23.93 -2.71
N PHE D 34 16.86 23.71 -4.01
CA PHE D 34 15.97 24.55 -4.82
C PHE D 34 14.53 24.46 -4.31
N ARG D 35 14.06 23.23 -4.07
CA ARG D 35 12.69 23.09 -3.59
C ARG D 35 12.49 23.69 -2.19
N TYR D 36 13.45 23.54 -1.29
CA TYR D 36 13.29 24.13 0.03
C TYR D 36 13.22 25.67 -0.10
N ALA D 37 14.17 26.27 -0.84
CA ALA D 37 14.25 27.72 -0.96
C ALA D 37 13.00 28.27 -1.59
N THR D 38 12.51 27.62 -2.64
CA THR D 38 11.35 28.14 -3.36
C THR D 38 10.05 27.86 -2.60
N THR D 39 9.98 26.72 -1.90
CA THR D 39 8.82 26.49 -1.01
C THR D 39 8.77 27.55 0.10
N LEU D 40 9.92 27.85 0.72
CA LEU D 40 9.95 28.86 1.77
C LEU D 40 9.52 30.21 1.19
N ALA D 41 10.14 30.61 0.08
CA ALA D 41 9.86 31.92 -0.50
C ALA D 41 8.38 32.03 -0.95
N HIS D 42 7.83 30.97 -1.56
CA HIS D 42 6.40 30.93 -1.89
C HIS D 42 5.48 31.00 -0.66
N ASP D 43 5.73 30.13 0.31
CA ASP D 43 4.81 29.96 1.45
C ASP D 43 4.78 31.17 2.36
N TYR D 44 5.91 31.88 2.46
CA TYR D 44 5.97 33.06 3.30
C TYR D 44 5.94 34.38 2.52
N ASP D 45 5.89 34.30 1.18
CA ASP D 45 5.85 35.48 0.31
C ASP D 45 7.02 36.44 0.60
N VAL D 46 8.24 35.90 0.43
CA VAL D 46 9.46 36.67 0.67
C VAL D 46 10.38 36.58 -0.54
N PRO D 47 11.27 37.58 -0.74
CA PRO D 47 12.16 37.59 -1.88
C PRO D 47 13.19 36.48 -1.86
N LEU D 48 13.51 36.01 -3.05
CA LEU D 48 14.50 34.99 -3.31
C LEU D 48 15.54 35.53 -4.29
N GLY D 49 16.81 35.34 -3.97
CA GLY D 49 17.88 35.62 -4.92
C GLY D 49 18.56 34.31 -5.26
N ILE D 50 18.86 34.11 -6.53
CA ILE D 50 19.56 32.88 -6.95
C ILE D 50 20.92 33.25 -7.52
N CYS D 51 21.97 32.77 -6.86
CA CYS D 51 23.33 33.22 -7.10
CA CYS D 51 23.30 33.22 -7.20
C CYS D 51 24.23 32.12 -7.62
N SER D 52 25.14 32.51 -8.51
CA SER D 52 26.27 31.68 -8.86
C SER D 52 27.45 32.58 -9.13
N VAL D 53 28.64 32.02 -9.17
CA VAL D 53 29.86 32.83 -9.22
C VAL D 53 30.78 32.35 -10.34
N LEU D 54 31.45 33.32 -10.96
CA LEU D 54 32.46 33.07 -12.00
C LEU D 54 33.85 33.47 -11.51
N GLU D 55 34.88 32.87 -12.09
CA GLU D 55 36.30 33.23 -11.92
C GLU D 55 36.59 34.50 -12.72
N SER D 56 37.21 35.48 -12.09
CA SER D 56 37.63 36.71 -12.79
C SER D 56 39.01 36.51 -13.45
N GLU D 57 39.31 37.32 -14.48
CA GLU D 57 40.59 37.25 -15.16
C GLU D 57 41.63 38.11 -14.44
N ASP D 58 42.78 37.51 -14.14
CA ASP D 58 43.81 38.22 -13.38
C ASP D 58 44.76 39.01 -14.27
N ILE D 59 44.93 38.58 -15.51
CA ILE D 59 45.86 39.22 -16.45
C ILE D 59 45.13 39.54 -17.76
N ASN D 60 45.22 40.79 -18.21
CA ASN D 60 44.62 41.17 -19.49
C ASN D 60 45.27 40.41 -20.65
N ILE D 61 44.45 39.91 -21.59
CA ILE D 61 44.96 39.16 -22.74
C ILE D 61 44.68 39.94 -24.02
N PHE D 62 45.61 39.88 -24.96
CA PHE D 62 45.53 40.65 -26.21
C PHE D 62 45.72 39.74 -27.42
N LEU D 65 41.53 33.48 -29.03
CA LEU D 65 40.67 32.35 -28.66
C LEU D 65 40.20 32.37 -27.18
N THR D 66 41.08 32.77 -26.25
CA THR D 66 40.73 32.84 -24.81
C THR D 66 39.47 33.69 -24.49
N PRO D 67 39.38 34.92 -25.06
CA PRO D 67 38.20 35.78 -24.80
C PRO D 67 36.86 35.13 -25.14
N SER D 68 36.80 34.42 -26.27
CA SER D 68 35.61 33.69 -26.71
C SER D 68 35.21 32.60 -25.70
N LYS D 69 36.23 31.95 -25.13
CA LYS D 69 36.05 30.89 -24.15
C LYS D 69 35.54 31.40 -22.79
N ILE D 70 36.01 32.58 -22.35
CA ILE D 70 35.47 33.17 -21.11
C ILE D 70 34.06 33.72 -21.28
N GLN D 71 33.78 34.33 -22.44
CA GLN D 71 32.40 34.71 -22.73
C GLN D 71 31.48 33.47 -22.76
N ALA D 72 32.02 32.34 -23.21
CA ALA D 72 31.29 31.07 -23.20
C ALA D 72 30.95 30.59 -21.79
N LYS D 73 31.90 30.73 -20.86
CA LYS D 73 31.73 30.29 -19.47
C LYS D 73 30.71 31.19 -18.76
N ARG D 74 30.82 32.50 -19.01
CA ARG D 74 29.89 33.48 -18.45
C ARG D 74 28.47 33.26 -18.98
N LYS D 75 28.34 33.07 -20.28
CA LYS D 75 27.03 32.81 -20.88
C LYS D 75 26.36 31.59 -20.24
N HIS D 76 27.16 30.53 -20.04
CA HIS D 76 26.65 29.27 -19.49
C HIS D 76 26.10 29.43 -18.08
N VAL D 77 26.88 30.08 -17.22
CA VAL D 77 26.49 30.32 -15.83
C VAL D 77 25.28 31.25 -15.77
N GLU D 78 25.25 32.28 -16.61
CA GLU D 78 24.08 33.16 -16.72
C GLU D 78 22.81 32.41 -17.09
N ASP D 79 22.93 31.46 -18.02
CA ASP D 79 21.84 30.59 -18.44
C ASP D 79 21.41 29.64 -17.33
N VAL D 80 22.38 29.07 -16.59
CA VAL D 80 22.07 28.18 -15.47
C VAL D 80 21.19 28.96 -14.48
N VAL D 81 21.64 30.15 -14.08
CA VAL D 81 20.90 30.95 -13.11
C VAL D 81 19.53 31.36 -13.66
N ALA D 82 19.48 31.77 -14.94
CA ALA D 82 18.22 32.17 -15.56
C ALA D 82 17.20 31.03 -15.58
N GLU D 83 17.67 29.82 -15.85
CA GLU D 83 16.82 28.64 -15.83
C GLU D 83 16.22 28.43 -14.43
N TYR D 84 17.07 28.52 -13.40
CA TYR D 84 16.57 28.40 -12.03
C TYR D 84 15.54 29.48 -11.68
N VAL D 85 15.79 30.71 -12.14
CA VAL D 85 14.87 31.79 -11.85
C VAL D 85 13.51 31.55 -12.52
N GLN D 86 13.53 31.07 -13.76
CA GLN D 86 12.31 30.67 -14.44
C GLN D 86 11.52 29.59 -13.67
N LEU D 87 12.22 28.56 -13.20
CA LEU D 87 11.55 27.49 -12.43
C LEU D 87 10.97 27.99 -11.11
N ALA D 88 11.65 28.94 -10.47
CA ALA D 88 11.14 29.54 -9.24
C ALA D 88 9.88 30.36 -9.50
N GLU D 89 9.84 31.05 -10.64
CA GLU D 89 8.64 31.80 -11.03
C GLU D 89 7.48 30.86 -11.31
N GLN D 90 7.77 29.72 -11.95
CA GLN D 90 6.79 28.65 -12.19
C GLN D 90 6.22 28.06 -10.89
N ARG D 91 7.06 27.97 -9.86
CA ARG D 91 6.68 27.46 -8.55
C ARG D 91 5.72 28.42 -7.89
N GLY D 92 5.81 29.69 -8.29
CA GLY D 92 4.94 30.73 -7.78
C GLY D 92 5.60 31.72 -6.85
N VAL D 93 6.93 31.74 -6.84
CA VAL D 93 7.63 32.73 -6.06
C VAL D 93 7.43 34.08 -6.75
N ASN D 94 6.90 35.03 -5.99
CA ASN D 94 6.54 36.34 -6.53
C ASN D 94 7.75 37.21 -6.87
N GLN D 95 8.80 37.15 -6.05
CA GLN D 95 9.96 38.00 -6.22
C GLN D 95 11.19 37.14 -6.23
N VAL D 96 11.75 36.94 -7.42
CA VAL D 96 12.99 36.20 -7.54
CA VAL D 96 12.95 36.12 -7.66
C VAL D 96 13.93 36.91 -8.51
N GLU D 97 15.20 36.94 -8.14
CA GLU D 97 16.18 37.63 -8.95
C GLU D 97 17.46 36.86 -9.15
N PRO D 98 18.04 36.95 -10.37
CA PRO D 98 19.34 36.39 -10.68
C PRO D 98 20.45 37.22 -10.05
N LEU D 99 21.48 36.55 -9.55
CA LEU D 99 22.65 37.17 -8.91
C LEU D 99 23.94 36.50 -9.38
N VAL D 100 24.42 36.91 -10.56
CA VAL D 100 25.63 36.36 -11.16
C VAL D 100 26.78 37.31 -10.83
N TYR D 101 27.76 36.84 -10.08
CA TYR D 101 28.89 37.61 -9.65
C TYR D 101 30.17 36.99 -10.09
N GLU D 102 31.26 37.74 -10.01
CA GLU D 102 32.56 37.18 -10.34
C GLU D 102 33.63 37.71 -9.42
N GLY D 103 34.66 36.91 -9.18
CA GLY D 103 35.74 37.31 -8.30
C GLY D 103 36.72 36.19 -8.38
N GLY D 104 37.67 36.15 -7.47
CA GLY D 104 38.51 34.96 -7.41
C GLY D 104 37.72 33.94 -6.60
N ASP D 105 38.05 33.91 -5.33
CA ASP D 105 37.56 32.89 -4.42
C ASP D 105 36.08 33.08 -4.18
N VAL D 106 35.31 32.04 -4.49
CA VAL D 106 33.86 32.08 -4.40
CA VAL D 106 33.86 32.08 -4.41
C VAL D 106 33.39 32.43 -2.99
N ASP D 107 34.06 31.88 -1.96
CA ASP D 107 33.69 32.17 -0.56
C ASP D 107 33.68 33.66 -0.29
N ASP D 108 34.77 34.34 -0.66
CA ASP D 108 34.87 35.79 -0.48
C ASP D 108 33.90 36.54 -1.36
N VAL D 109 33.63 36.06 -2.56
CA VAL D 109 32.61 36.70 -3.37
C VAL D 109 31.25 36.68 -2.66
N ILE D 110 30.84 35.52 -2.14
CA ILE D 110 29.55 35.45 -1.47
C ILE D 110 29.52 36.28 -0.19
N LEU D 111 30.56 36.17 0.61
CA LEU D 111 30.61 36.83 1.91
C LEU D 111 30.83 38.34 1.80
N GLU D 112 31.63 38.76 0.83
CA GLU D 112 32.02 40.18 0.74
C GLU D 112 31.21 40.99 -0.26
N GLN D 113 30.64 40.34 -1.28
CA GLN D 113 29.87 41.02 -2.30
C GLN D 113 28.39 40.65 -2.27
N VAL D 114 28.08 39.35 -2.41
CA VAL D 114 26.67 38.96 -2.51
C VAL D 114 25.84 39.24 -1.26
N ILE D 115 26.32 38.79 -0.10
CA ILE D 115 25.56 38.98 1.14
C ILE D 115 25.36 40.49 1.42
N PRO D 116 26.45 41.29 1.38
CA PRO D 116 26.25 42.74 1.63
C PRO D 116 25.31 43.45 0.66
N GLU D 117 25.28 43.01 -0.61
CA GLU D 117 24.42 43.63 -1.61
C GLU D 117 22.97 43.17 -1.53
N PHE D 118 22.76 41.85 -1.49
CA PHE D 118 21.41 41.34 -1.55
C PHE D 118 20.76 41.34 -0.16
N LYS D 119 21.59 41.31 0.89
CA LYS D 119 21.15 41.34 2.27
C LYS D 119 20.16 40.22 2.61
N PRO D 120 20.54 38.99 2.32
CA PRO D 120 19.68 37.88 2.76
C PRO D 120 19.81 37.63 4.27
N ASP D 121 18.80 37.01 4.89
CA ASP D 121 18.98 36.52 6.26
C ASP D 121 19.13 34.98 6.32
N LEU D 122 19.00 34.33 5.16
CA LEU D 122 19.22 32.87 5.10
C LEU D 122 19.94 32.55 3.80
N LEU D 123 21.03 31.80 3.92
CA LEU D 123 21.68 31.25 2.72
C LEU D 123 21.32 29.76 2.64
N VAL D 124 20.84 29.37 1.47
CA VAL D 124 20.49 27.97 1.16
C VAL D 124 21.46 27.43 0.12
N THR D 125 21.97 26.23 0.33
CA THR D 125 22.73 25.58 -0.73
C THR D 125 22.69 24.09 -0.56
N GLY D 126 22.78 23.38 -1.66
CA GLY D 126 22.88 21.93 -1.58
C GLY D 126 24.22 21.51 -1.01
N ALA D 127 24.24 20.36 -0.38
CA ALA D 127 25.46 19.81 0.22
C ALA D 127 26.53 19.49 -0.82
N ASP D 128 26.14 19.36 -2.09
CA ASP D 128 27.13 19.00 -3.10
C ASP D 128 27.68 20.21 -3.87
N THR D 129 27.11 21.40 -3.62
CA THR D 129 27.49 22.62 -4.36
C THR D 129 28.96 22.93 -4.17
N GLU D 130 29.67 23.13 -5.29
CA GLU D 130 31.11 23.39 -5.22
C GLU D 130 31.53 24.06 -6.50
N PHE D 131 32.67 24.75 -6.41
CA PHE D 131 33.25 25.45 -7.54
C PHE D 131 34.68 25.01 -7.66
N PRO D 132 35.11 24.60 -8.87
CA PRO D 132 36.40 23.92 -9.00
C PRO D 132 37.59 24.85 -8.79
N HIS D 133 37.34 26.16 -8.79
CA HIS D 133 38.38 27.18 -8.61
C HIS D 133 38.47 27.75 -7.21
N SER D 134 37.61 27.29 -6.29
CA SER D 134 37.64 27.79 -4.92
C SER D 134 38.98 27.57 -4.21
N LYS D 135 39.37 28.51 -3.34
CA LYS D 135 40.64 28.42 -2.63
C LYS D 135 40.69 27.13 -1.81
N ILE D 136 39.62 26.84 -1.07
CA ILE D 136 39.51 25.58 -0.34
C ILE D 136 38.61 24.76 -1.21
N ALA D 137 39.06 23.55 -1.52
CA ALA D 137 38.29 22.62 -2.38
C ALA D 137 37.12 21.98 -1.64
N GLY D 138 36.09 21.67 -2.41
CA GLY D 138 34.99 20.85 -1.94
C GLY D 138 33.74 21.66 -1.66
N ALA D 139 32.81 21.03 -0.94
CA ALA D 139 31.48 21.60 -0.76
C ALA D 139 31.49 22.91 0.01
N ILE D 140 30.91 23.92 -0.61
CA ILE D 140 30.93 25.25 -0.04
C ILE D 140 29.98 25.44 1.15
N GLY D 141 28.87 24.70 1.16
CA GLY D 141 27.83 24.92 2.18
C GLY D 141 28.34 24.89 3.61
N PRO D 142 29.03 23.81 4.01
CA PRO D 142 29.51 23.79 5.38
C PRO D 142 30.53 24.88 5.73
N ARG D 143 31.33 25.31 4.74
CA ARG D 143 32.26 26.43 4.92
C ARG D 143 31.48 27.69 5.24
N LEU D 144 30.46 27.97 4.43
CA LEU D 144 29.62 29.14 4.66
C LEU D 144 28.88 29.04 6.00
N ALA D 145 28.45 27.83 6.35
CA ALA D 145 27.80 27.66 7.64
C ALA D 145 28.69 28.09 8.79
N ARG D 146 29.99 27.84 8.66
CA ARG D 146 30.97 28.26 9.67
C ARG D 146 31.24 29.77 9.65
N LYS D 147 31.38 30.33 8.44
CA LYS D 147 31.95 31.68 8.26
C LYS D 147 30.93 32.79 8.08
N ALA D 148 29.72 32.47 7.63
CA ALA D 148 28.72 33.51 7.36
C ALA D 148 28.16 34.15 8.61
N PRO D 149 27.73 35.40 8.49
CA PRO D 149 27.17 36.08 9.65
C PRO D 149 25.67 35.87 9.81
N ILE D 150 25.10 35.09 8.88
CA ILE D 150 23.65 34.84 8.82
C ILE D 150 23.45 33.34 8.95
N SER D 151 22.18 32.95 9.07
CA SER D 151 21.83 31.53 9.06
C SER D 151 22.17 30.88 7.72
N VAL D 152 22.56 29.59 7.77
CA VAL D 152 22.92 28.85 6.56
C VAL D 152 22.33 27.45 6.69
N ILE D 153 21.58 27.04 5.67
CA ILE D 153 21.09 25.64 5.64
C ILE D 153 21.78 24.93 4.49
N VAL D 154 22.35 23.77 4.85
CA VAL D 154 23.00 22.88 3.89
C VAL D 154 22.02 21.77 3.65
N VAL D 155 21.46 21.73 2.43
CA VAL D 155 20.36 20.79 2.14
C VAL D 155 20.87 19.50 1.50
N ARG D 156 20.32 18.39 1.97
CA ARG D 156 20.57 17.07 1.39
C ARG D 156 19.26 16.45 1.04
N GLN E 7 -26.93 -26.03 -46.10
CA GLN E 7 -27.92 -25.94 -44.98
C GLN E 7 -27.19 -26.08 -43.65
N LYS E 8 -26.04 -26.76 -43.71
CA LYS E 8 -25.17 -26.92 -42.55
C LYS E 8 -24.63 -25.58 -42.08
N GLN E 10 -25.92 -22.78 -42.20
CA GLN E 10 -27.03 -21.94 -41.73
C GLN E 10 -27.67 -22.46 -40.44
N GLU E 11 -27.34 -23.69 -40.04
CA GLU E 11 -27.94 -24.32 -38.86
C GLU E 11 -27.59 -23.46 -37.62
N PRO E 12 -28.57 -23.13 -36.79
CA PRO E 12 -28.22 -22.37 -35.56
C PRO E 12 -27.21 -23.14 -34.71
N LEU E 13 -26.30 -22.39 -34.09
CA LEU E 13 -25.41 -22.98 -33.11
C LEU E 13 -25.70 -22.36 -31.77
N VAL E 14 -26.18 -23.21 -30.87
CA VAL E 14 -26.47 -22.82 -29.49
C VAL E 14 -25.81 -23.85 -28.60
N TYR E 15 -24.87 -23.44 -27.77
CA TYR E 15 -24.16 -24.39 -26.91
C TYR E 15 -25.14 -25.04 -25.94
N ARG E 16 -24.98 -26.35 -25.79
CA ARG E 16 -25.91 -27.18 -25.04
C ARG E 16 -25.63 -27.30 -23.55
N ARG E 17 -24.36 -27.18 -23.16
CA ARG E 17 -23.96 -27.43 -21.78
CA ARG E 17 -23.97 -27.42 -21.77
C ARG E 17 -22.77 -26.55 -21.46
N ILE E 18 -22.95 -25.63 -20.52
CA ILE E 18 -21.95 -24.58 -20.30
C ILE E 18 -21.19 -24.87 -19.00
N LEU E 19 -19.87 -24.80 -19.05
CA LEU E 19 -19.03 -25.00 -17.84
C LEU E 19 -18.31 -23.69 -17.54
N LEU E 20 -18.62 -23.05 -16.42
CA LEU E 20 -17.93 -21.83 -16.00
C LEU E 20 -16.86 -22.26 -15.00
N THR E 21 -15.61 -21.87 -15.25
CA THR E 21 -14.52 -22.17 -14.33
C THR E 21 -14.17 -20.90 -13.57
N VAL E 22 -14.12 -21.02 -12.23
CA VAL E 22 -13.90 -19.86 -11.34
C VAL E 22 -12.78 -20.13 -10.35
N ASP E 23 -12.13 -19.07 -9.90
CA ASP E 23 -11.31 -19.14 -8.67
C ASP E 23 -11.97 -18.30 -7.60
N GLU E 24 -11.26 -18.05 -6.50
CA GLU E 24 -11.86 -17.32 -5.39
C GLU E 24 -11.90 -15.80 -5.57
N ASP E 25 -11.21 -15.27 -6.58
CA ASP E 25 -11.06 -13.83 -6.72
C ASP E 25 -12.24 -13.21 -7.44
N ASP E 26 -12.67 -12.05 -6.95
CA ASP E 26 -13.83 -11.33 -7.50
C ASP E 26 -13.24 -10.13 -8.24
N ASN E 27 -13.21 -10.18 -9.57
CA ASN E 27 -12.66 -9.12 -10.38
C ASN E 27 -13.55 -8.81 -11.62
N THR E 28 -13.18 -7.84 -12.45
CA THR E 28 -14.04 -7.43 -13.56
C THR E 28 -14.25 -8.58 -14.55
N SER E 29 -13.18 -9.31 -14.84
CA SER E 29 -13.27 -10.44 -15.76
CA SER E 29 -13.30 -10.43 -15.77
C SER E 29 -14.13 -11.59 -15.23
N SER E 30 -14.01 -11.87 -13.93
CA SER E 30 -14.76 -12.96 -13.34
C SER E 30 -16.26 -12.63 -13.31
N GLU E 31 -16.55 -11.38 -13.01
CA GLU E 31 -17.93 -10.91 -13.02
C GLU E 31 -18.52 -11.03 -14.42
N ARG E 32 -17.79 -10.55 -15.42
CA ARG E 32 -18.28 -10.64 -16.80
C ARG E 32 -18.39 -12.10 -17.27
N ALA E 33 -17.47 -12.95 -16.87
CA ALA E 33 -17.54 -14.37 -17.22
C ALA E 33 -18.81 -15.00 -16.67
N PHE E 34 -19.12 -14.72 -15.40
CA PHE E 34 -20.33 -15.22 -14.78
C PHE E 34 -21.58 -14.69 -15.50
N ARG E 35 -21.58 -13.40 -15.80
CA ARG E 35 -22.74 -12.80 -16.47
C ARG E 35 -22.91 -13.36 -17.87
N TYR E 36 -21.82 -13.56 -18.60
CA TYR E 36 -22.00 -14.16 -19.94
C TYR E 36 -22.57 -15.60 -19.82
N ALA E 37 -21.96 -16.41 -18.96
CA ALA E 37 -22.39 -17.81 -18.83
C ALA E 37 -23.83 -17.91 -18.40
N THR E 38 -24.26 -17.07 -17.46
CA THR E 38 -25.63 -17.18 -16.95
C THR E 38 -26.63 -16.54 -17.91
N THR E 39 -26.20 -15.53 -18.67
CA THR E 39 -27.08 -14.95 -19.69
C THR E 39 -27.34 -15.99 -20.79
N LEU E 40 -26.26 -16.64 -21.23
CA LEU E 40 -26.40 -17.71 -22.21
CA LEU E 40 -26.38 -17.71 -22.21
C LEU E 40 -27.32 -18.81 -21.71
N ALA E 41 -27.06 -19.30 -20.49
CA ALA E 41 -27.85 -20.39 -19.93
C ALA E 41 -29.32 -19.99 -19.73
N HIS E 42 -29.56 -18.78 -19.26
CA HIS E 42 -30.92 -18.28 -19.12
C HIS E 42 -31.62 -18.10 -20.47
N ASP E 43 -30.98 -17.39 -21.39
CA ASP E 43 -31.64 -17.06 -22.67
C ASP E 43 -31.96 -18.29 -23.49
N TYR E 44 -31.06 -19.28 -23.45
CA TYR E 44 -31.23 -20.47 -24.29
C TYR E 44 -31.78 -21.65 -23.54
N ASP E 45 -31.90 -21.52 -22.20
CA ASP E 45 -32.43 -22.58 -21.33
C ASP E 45 -31.59 -23.85 -21.44
N VAL E 46 -30.32 -23.72 -21.09
CA VAL E 46 -29.40 -24.84 -21.11
C VAL E 46 -28.68 -24.95 -19.76
N PRO E 47 -28.23 -26.16 -19.42
CA PRO E 47 -27.57 -26.34 -18.12
C PRO E 47 -26.21 -25.68 -17.98
N LEU E 48 -25.94 -25.28 -16.75
CA LEU E 48 -24.73 -24.61 -16.39
C LEU E 48 -24.06 -25.36 -15.22
N GLY E 49 -22.74 -25.54 -15.34
CA GLY E 49 -21.94 -26.07 -14.25
C GLY E 49 -20.92 -25.04 -13.83
N ILE E 50 -20.69 -24.92 -12.51
CA ILE E 50 -19.75 -23.91 -12.00
C ILE E 50 -18.68 -24.65 -11.23
N CYS E 51 -17.48 -24.63 -11.79
CA CYS E 51 -16.38 -25.47 -11.34
CA CYS E 51 -16.41 -25.47 -11.28
C CYS E 51 -15.24 -24.68 -10.74
N SER E 52 -14.60 -25.26 -9.74
CA SER E 52 -13.26 -24.81 -9.33
C SER E 52 -12.47 -26.04 -8.94
N VAL E 53 -11.14 -25.89 -8.81
CA VAL E 53 -10.26 -27.01 -8.50
C VAL E 53 -9.39 -26.60 -7.30
N LEU E 54 -9.44 -27.42 -6.26
CA LEU E 54 -8.78 -27.16 -4.97
C LEU E 54 -7.44 -27.83 -4.91
N GLU E 55 -6.57 -27.29 -4.06
CA GLU E 55 -5.36 -27.96 -3.65
C GLU E 55 -5.72 -29.00 -2.60
N SER E 56 -5.09 -30.14 -2.74
CA SER E 56 -5.19 -31.23 -1.77
C SER E 56 -4.00 -31.21 -0.82
N GLU E 57 -4.19 -31.73 0.39
CA GLU E 57 -3.05 -31.91 1.28
C GLU E 57 -2.10 -32.96 0.70
N ASP E 58 -0.83 -32.83 1.03
CA ASP E 58 0.22 -33.71 0.52
C ASP E 58 0.76 -34.51 1.71
N ILE E 59 0.75 -35.83 1.58
CA ILE E 59 1.21 -36.71 2.66
C ILE E 59 2.67 -36.47 3.07
N ASN E 60 3.48 -35.97 2.13
CA ASN E 60 4.88 -35.66 2.40
C ASN E 60 5.09 -34.33 3.10
N ILE E 61 4.02 -33.57 3.30
CA ILE E 61 4.16 -32.26 3.95
C ILE E 61 3.36 -32.35 5.21
N PHE E 62 4.07 -32.48 6.34
CA PHE E 62 3.45 -32.63 7.67
C PHE E 62 3.96 -31.53 8.61
N ASP E 63 3.06 -30.62 8.94
CA ASP E 63 3.32 -29.52 9.88
C ASP E 63 1.99 -29.03 10.44
N SER E 64 2.04 -28.18 11.47
CA SER E 64 0.80 -27.75 12.08
C SER E 64 -0.03 -26.74 11.29
N LEU E 65 0.60 -25.89 10.49
CA LEU E 65 -0.16 -24.78 9.87
C LEU E 65 -0.76 -25.15 8.51
N THR E 66 -0.02 -25.93 7.73
CA THR E 66 -0.45 -26.26 6.36
C THR E 66 -1.89 -26.83 6.32
N PRO E 67 -2.25 -27.79 7.23
CA PRO E 67 -3.62 -28.31 7.14
C PRO E 67 -4.71 -27.26 7.32
N SER E 68 -4.50 -26.29 8.22
CA SER E 68 -5.49 -25.23 8.39
C SER E 68 -5.55 -24.34 7.16
N LYS E 69 -4.39 -24.00 6.63
CA LYS E 69 -4.31 -23.21 5.40
CA LYS E 69 -4.29 -23.21 5.40
C LYS E 69 -5.08 -23.87 4.26
N ILE E 70 -4.79 -25.14 4.01
CA ILE E 70 -5.41 -25.81 2.87
C ILE E 70 -6.90 -25.98 3.11
N GLN E 71 -7.27 -26.36 4.31
CA GLN E 71 -8.70 -26.60 4.60
C GLN E 71 -9.51 -25.31 4.57
N ALA E 72 -8.93 -24.23 5.06
CA ALA E 72 -9.61 -22.95 4.99
C ALA E 72 -9.79 -22.46 3.54
N LYS E 73 -8.77 -22.71 2.71
CA LYS E 73 -8.90 -22.33 1.30
C LYS E 73 -9.96 -23.14 0.63
N ARG E 74 -10.03 -24.44 0.96
CA ARG E 74 -11.04 -25.31 0.38
CA ARG E 74 -11.06 -25.33 0.40
C ARG E 74 -12.44 -24.81 0.73
N LYS E 75 -12.64 -24.46 1.99
CA LYS E 75 -13.95 -23.98 2.44
CA LYS E 75 -13.95 -24.00 2.42
C LYS E 75 -14.29 -22.67 1.74
N HIS E 76 -13.29 -21.80 1.60
CA HIS E 76 -13.50 -20.50 0.91
C HIS E 76 -13.99 -20.74 -0.54
N VAL E 77 -13.29 -21.60 -1.27
CA VAL E 77 -13.63 -21.89 -2.67
C VAL E 77 -15.02 -22.52 -2.73
N GLU E 78 -15.31 -23.45 -1.83
CA GLU E 78 -16.63 -24.09 -1.80
C GLU E 78 -17.70 -23.06 -1.58
N ASP E 79 -17.43 -22.10 -0.69
CA ASP E 79 -18.38 -21.02 -0.39
C ASP E 79 -18.62 -20.15 -1.62
N VAL E 80 -17.54 -19.84 -2.32
CA VAL E 80 -17.60 -19.03 -3.54
C VAL E 80 -18.43 -19.74 -4.62
N VAL E 81 -18.17 -21.02 -4.82
CA VAL E 81 -18.91 -21.75 -5.84
C VAL E 81 -20.39 -21.80 -5.45
N ALA E 82 -20.68 -22.08 -4.17
CA ALA E 82 -22.09 -22.12 -3.75
C ALA E 82 -22.78 -20.78 -3.96
N GLU E 83 -22.05 -19.70 -3.71
CA GLU E 83 -22.63 -18.36 -3.92
C GLU E 83 -22.89 -18.11 -5.41
N TYR E 84 -21.95 -18.47 -6.26
CA TYR E 84 -22.22 -18.34 -7.68
C TYR E 84 -23.45 -19.14 -8.10
N VAL E 85 -23.59 -20.36 -7.58
CA VAL E 85 -24.76 -21.17 -7.91
C VAL E 85 -26.04 -20.46 -7.50
N GLN E 86 -26.08 -19.93 -6.28
CA GLN E 86 -27.27 -19.22 -5.85
C GLN E 86 -27.56 -18.01 -6.71
N LEU E 87 -26.53 -17.27 -7.09
CA LEU E 87 -26.71 -16.09 -7.92
C LEU E 87 -27.26 -16.50 -9.29
N ALA E 88 -26.78 -17.63 -9.81
CA ALA E 88 -27.28 -18.11 -11.08
C ALA E 88 -28.76 -18.50 -11.00
N GLU E 89 -29.15 -19.16 -9.91
CA GLU E 89 -30.57 -19.46 -9.71
C GLU E 89 -31.41 -18.20 -9.63
N GLN E 90 -30.93 -17.18 -8.92
CA GLN E 90 -31.66 -15.93 -8.81
C GLN E 90 -31.80 -15.24 -10.17
N ARG E 91 -30.78 -15.41 -11.02
CA ARG E 91 -30.77 -14.88 -12.38
C ARG E 91 -31.81 -15.55 -13.27
N GLY E 92 -32.31 -16.70 -12.84
CA GLY E 92 -33.33 -17.42 -13.57
C GLY E 92 -32.82 -18.62 -14.33
N VAL E 93 -31.56 -19.04 -14.08
CA VAL E 93 -31.03 -20.23 -14.72
C VAL E 93 -31.71 -21.47 -14.11
N ASN E 94 -32.39 -22.24 -14.95
CA ASN E 94 -33.18 -23.37 -14.46
C ASN E 94 -32.34 -24.55 -13.95
N GLN E 95 -31.18 -24.77 -14.56
CA GLN E 95 -30.35 -25.92 -14.19
C GLN E 95 -28.92 -25.49 -13.99
N VAL E 96 -28.50 -25.39 -12.72
CA VAL E 96 -27.15 -24.95 -12.40
C VAL E 96 -26.64 -25.84 -11.27
N GLU E 97 -25.38 -26.26 -11.38
CA GLU E 97 -24.83 -27.18 -10.36
C GLU E 97 -23.38 -26.85 -10.06
N PRO E 98 -22.97 -27.13 -8.82
CA PRO E 98 -21.58 -26.92 -8.41
C PRO E 98 -20.72 -28.11 -8.81
N LEU E 99 -19.48 -27.83 -9.18
CA LEU E 99 -18.49 -28.84 -9.59
C LEU E 99 -17.14 -28.58 -8.93
N VAL E 100 -16.98 -29.02 -7.68
CA VAL E 100 -15.76 -28.77 -6.94
C VAL E 100 -14.87 -30.02 -6.99
N TYR E 101 -13.70 -29.85 -7.63
CA TYR E 101 -12.73 -30.91 -7.84
C TYR E 101 -11.43 -30.55 -7.13
N GLU E 102 -10.51 -31.50 -7.07
CA GLU E 102 -9.23 -31.27 -6.41
C GLU E 102 -8.10 -31.95 -7.18
N GLY E 103 -6.90 -31.38 -7.08
CA GLY E 103 -5.71 -31.93 -7.72
C GLY E 103 -4.61 -30.92 -7.93
N GLY E 104 -3.39 -31.42 -8.08
CA GLY E 104 -2.20 -30.59 -8.17
C GLY E 104 -1.99 -30.03 -9.56
N ASP E 105 -2.64 -30.62 -10.55
CA ASP E 105 -2.53 -30.14 -11.91
C ASP E 105 -3.93 -29.78 -12.40
N VAL E 106 -4.26 -28.50 -12.31
CA VAL E 106 -5.63 -28.06 -12.56
C VAL E 106 -5.98 -28.22 -14.01
N ASP E 107 -5.05 -27.91 -14.91
CA ASP E 107 -5.33 -28.15 -16.33
C ASP E 107 -5.79 -29.60 -16.56
N ASP E 108 -5.02 -30.55 -16.03
CA ASP E 108 -5.32 -31.96 -16.17
C ASP E 108 -6.65 -32.35 -15.47
N VAL E 109 -6.94 -31.79 -14.29
CA VAL E 109 -8.23 -32.07 -13.64
C VAL E 109 -9.39 -31.61 -14.53
N ILE E 110 -9.29 -30.41 -15.08
CA ILE E 110 -10.39 -29.89 -15.91
C ILE E 110 -10.53 -30.76 -17.17
N LEU E 111 -9.39 -31.08 -17.80
CA LEU E 111 -9.43 -31.76 -19.09
C LEU E 111 -9.77 -33.26 -18.94
N GLU E 112 -9.32 -33.89 -17.85
CA GLU E 112 -9.46 -35.35 -17.72
C GLU E 112 -10.55 -35.79 -16.77
N GLN E 113 -10.99 -34.88 -15.91
CA GLN E 113 -12.07 -35.22 -14.99
C GLN E 113 -13.34 -34.38 -15.21
N VAL E 114 -13.21 -33.06 -15.16
CA VAL E 114 -14.41 -32.21 -15.19
C VAL E 114 -15.11 -32.26 -16.53
N ILE E 115 -14.36 -32.09 -17.62
CA ILE E 115 -14.97 -32.12 -18.95
C ILE E 115 -15.57 -33.47 -19.26
N PRO E 116 -14.81 -34.57 -19.07
CA PRO E 116 -15.43 -35.89 -19.34
C PRO E 116 -16.64 -36.23 -18.49
N GLU E 117 -16.73 -35.73 -17.26
CA GLU E 117 -17.85 -36.02 -16.37
C GLU E 117 -19.09 -35.13 -16.59
N PHE E 118 -18.88 -33.82 -16.68
CA PHE E 118 -19.99 -32.89 -16.86
C PHE E 118 -20.41 -32.73 -18.33
N LYS E 119 -19.48 -33.06 -19.21
CA LYS E 119 -19.72 -33.06 -20.67
C LYS E 119 -20.22 -31.69 -21.22
N PRO E 120 -19.50 -30.60 -20.89
CA PRO E 120 -19.88 -29.33 -21.52
C PRO E 120 -19.46 -29.29 -22.99
N ASP E 121 -20.09 -28.40 -23.75
CA ASP E 121 -19.55 -28.08 -25.07
C ASP E 121 -18.97 -26.68 -25.15
N LEU E 122 -19.08 -25.92 -24.05
CA LEU E 122 -18.43 -24.60 -23.97
C LEU E 122 -17.86 -24.41 -22.57
N LEU E 123 -16.59 -24.02 -22.50
CA LEU E 123 -15.96 -23.66 -21.22
C LEU E 123 -15.81 -22.15 -21.21
N VAL E 124 -16.29 -21.54 -20.14
CA VAL E 124 -16.22 -20.07 -19.99
C VAL E 124 -15.29 -19.79 -18.79
N THR E 125 -14.36 -18.85 -18.95
CA THR E 125 -13.60 -18.42 -17.77
C THR E 125 -13.11 -16.98 -17.95
N GLY E 126 -13.01 -16.27 -16.84
CA GLY E 126 -12.47 -14.91 -16.90
C GLY E 126 -10.99 -14.94 -17.20
N ALA E 127 -10.52 -13.88 -17.84
CA ALA E 127 -9.11 -13.78 -18.23
C ALA E 127 -8.14 -13.77 -17.04
N ASP E 128 -8.65 -13.49 -15.84
CA ASP E 128 -7.77 -13.42 -14.66
C ASP E 128 -7.78 -14.71 -13.83
N THR E 129 -8.61 -15.67 -14.18
CA THR E 129 -8.71 -16.92 -13.43
C THR E 129 -7.38 -17.65 -13.44
N GLU E 130 -6.88 -17.98 -12.25
CA GLU E 130 -5.59 -18.67 -12.14
C GLU E 130 -5.52 -19.52 -10.89
N PHE E 131 -4.63 -20.50 -10.91
CA PHE E 131 -4.49 -21.41 -9.79
C PHE E 131 -3.01 -21.51 -9.41
N PRO E 132 -2.53 -20.63 -8.51
CA PRO E 132 -1.09 -20.63 -8.19
C PRO E 132 -0.61 -21.97 -7.62
N HIS E 133 -1.50 -22.78 -7.08
CA HIS E 133 -1.09 -24.09 -6.54
C HIS E 133 -0.74 -25.08 -7.65
N SER E 134 -1.18 -24.77 -8.86
CA SER E 134 -1.07 -25.73 -9.95
C SER E 134 0.31 -25.82 -10.55
N LYS E 135 0.54 -26.92 -11.26
CA LYS E 135 1.78 -27.18 -11.98
C LYS E 135 2.25 -26.00 -12.85
N ILE E 136 1.33 -25.41 -13.62
CA ILE E 136 1.64 -24.28 -14.49
C ILE E 136 1.00 -22.98 -13.97
N ALA E 137 1.80 -21.90 -13.93
CA ALA E 137 1.32 -20.60 -13.44
C ALA E 137 0.87 -19.65 -14.56
N GLY E 138 0.07 -18.66 -14.17
CA GLY E 138 -0.50 -17.71 -15.13
C GLY E 138 -1.96 -18.03 -15.37
N ALA E 139 -2.61 -17.17 -16.14
CA ALA E 139 -4.04 -17.30 -16.44
C ALA E 139 -4.33 -18.60 -17.17
N ILE E 140 -5.29 -19.38 -16.66
CA ILE E 140 -5.56 -20.71 -17.20
C ILE E 140 -6.36 -20.68 -18.53
N GLY E 141 -7.14 -19.63 -18.74
CA GLY E 141 -8.06 -19.59 -19.87
C GLY E 141 -7.42 -19.78 -21.24
N PRO E 142 -6.34 -19.04 -21.53
CA PRO E 142 -5.73 -19.21 -22.83
C PRO E 142 -5.13 -20.60 -23.01
N ARG E 143 -4.60 -21.19 -21.93
CA ARG E 143 -4.10 -22.57 -22.02
C ARG E 143 -5.22 -23.55 -22.35
N LEU E 144 -6.36 -23.41 -21.68
CA LEU E 144 -7.52 -24.22 -21.99
C LEU E 144 -8.02 -23.97 -23.41
N ALA E 145 -7.95 -22.73 -23.88
CA ALA E 145 -8.39 -22.46 -25.26
C ALA E 145 -7.54 -23.25 -26.25
N ARG E 146 -6.25 -23.42 -25.92
CA ARG E 146 -5.34 -24.19 -26.77
CA ARG E 146 -5.33 -24.19 -26.77
C ARG E 146 -5.54 -25.71 -26.66
N LYS E 147 -5.76 -26.21 -25.44
CA LYS E 147 -5.70 -27.66 -25.17
C LYS E 147 -7.01 -28.39 -25.15
N ALA E 148 -8.09 -27.67 -24.89
CA ALA E 148 -9.37 -28.34 -24.69
C ALA E 148 -9.93 -28.88 -26.00
N PRO E 149 -10.73 -29.95 -25.92
CA PRO E 149 -11.35 -30.48 -27.15
C PRO E 149 -12.68 -29.84 -27.48
N ILE E 150 -13.06 -28.84 -26.70
CA ILE E 150 -14.31 -28.12 -26.88
C ILE E 150 -14.04 -26.63 -27.08
N SER E 151 -15.09 -25.87 -27.38
CA SER E 151 -15.02 -24.41 -27.46
CA SER E 151 -14.95 -24.42 -27.47
C SER E 151 -14.67 -23.79 -26.10
N VAL E 152 -13.87 -22.73 -26.13
CA VAL E 152 -13.47 -22.06 -24.88
C VAL E 152 -13.53 -20.54 -25.12
N ILE E 153 -14.25 -19.84 -24.24
CA ILE E 153 -14.25 -18.37 -24.27
C ILE E 153 -13.53 -17.84 -23.05
N VAL E 154 -12.58 -16.96 -23.33
CA VAL E 154 -11.85 -16.25 -22.30
C VAL E 154 -12.44 -14.85 -22.25
N VAL E 155 -13.08 -14.52 -21.12
CA VAL E 155 -13.88 -13.30 -21.02
C VAL E 155 -13.10 -12.18 -20.32
N ARG E 156 -13.19 -11.01 -20.93
CA ARG E 156 -12.65 -9.76 -20.34
C ARG E 156 -13.76 -8.72 -20.34
N GLU F 5 -22.18 -6.39 -4.87
CA GLU F 5 -22.29 -7.85 -5.12
C GLU F 5 -23.61 -8.24 -5.82
N ASN F 6 -24.68 -8.50 -5.05
CA ASN F 6 -25.83 -9.21 -5.61
C ASN F 6 -26.35 -8.68 -6.95
N GLN F 7 -26.72 -7.41 -6.99
CA GLN F 7 -27.33 -6.77 -8.18
C GLN F 7 -26.39 -6.72 -9.41
N LYS F 8 -25.14 -6.35 -9.20
CA LYS F 8 -24.15 -6.26 -10.28
C LYS F 8 -23.99 -7.63 -10.97
N GLN F 10 -26.19 -9.89 -11.32
CA GLN F 10 -27.44 -10.20 -12.03
C GLN F 10 -27.59 -9.52 -13.39
N GLU F 11 -26.80 -8.48 -13.69
CA GLU F 11 -27.00 -7.74 -14.93
C GLU F 11 -26.73 -8.66 -16.15
N PRO F 12 -27.66 -8.73 -17.12
CA PRO F 12 -27.35 -9.55 -18.31
C PRO F 12 -26.09 -9.04 -19.02
N LEU F 13 -25.44 -9.93 -19.76
CA LEU F 13 -24.30 -9.54 -20.58
C LEU F 13 -24.51 -10.07 -21.98
N VAL F 14 -24.55 -9.15 -22.94
CA VAL F 14 -24.70 -9.47 -24.36
C VAL F 14 -23.56 -8.76 -25.06
N TYR F 15 -22.82 -9.49 -25.89
CA TYR F 15 -21.76 -8.83 -26.68
C TYR F 15 -22.38 -8.01 -27.79
N ARG F 16 -21.85 -6.80 -27.95
CA ARG F 16 -22.47 -5.80 -28.83
C ARG F 16 -21.90 -5.67 -30.25
N ARG F 17 -20.66 -6.11 -30.45
CA ARG F 17 -20.02 -5.97 -31.75
C ARG F 17 -19.08 -7.16 -31.92
N ILE F 18 -19.37 -7.99 -32.93
CA ILE F 18 -18.74 -9.30 -33.02
C ILE F 18 -17.76 -9.31 -34.18
N LEU F 19 -16.54 -9.76 -33.93
CA LEU F 19 -15.54 -9.89 -34.99
C LEU F 19 -15.21 -11.38 -35.18
N LEU F 20 -15.53 -11.91 -36.35
CA LEU F 20 -15.17 -13.27 -36.73
C LEU F 20 -13.94 -13.25 -37.62
N THR F 21 -12.88 -13.95 -37.22
CA THR F 21 -11.63 -14.02 -37.98
C THR F 21 -11.62 -15.36 -38.72
N VAL F 22 -11.37 -15.31 -40.02
CA VAL F 22 -11.38 -16.50 -40.87
C VAL F 22 -10.09 -16.61 -41.67
N ASP F 23 -9.72 -17.84 -42.01
CA ASP F 23 -8.70 -18.15 -43.04
C ASP F 23 -9.38 -18.78 -44.26
N GLU F 24 -8.57 -19.34 -45.17
CA GLU F 24 -9.11 -19.94 -46.38
C GLU F 24 -9.50 -21.41 -46.26
N ASP F 25 -9.30 -22.02 -45.10
CA ASP F 25 -9.47 -23.47 -44.94
C ASP F 25 -10.88 -23.82 -44.49
N ASP F 26 -11.31 -25.03 -44.82
CA ASP F 26 -12.61 -25.55 -44.36
C ASP F 26 -12.37 -26.68 -43.38
N ASN F 27 -13.12 -26.67 -42.27
CA ASN F 27 -13.04 -27.70 -41.23
C ASN F 27 -14.20 -27.45 -40.30
N THR F 28 -14.43 -28.42 -39.42
CA THR F 28 -15.52 -28.38 -38.45
CA THR F 28 -15.58 -28.32 -38.54
C THR F 28 -15.48 -27.11 -37.61
N SER F 29 -14.27 -26.77 -37.15
CA SER F 29 -14.12 -25.58 -36.28
CA SER F 29 -14.14 -25.59 -36.28
C SER F 29 -14.49 -24.29 -36.99
N SER F 30 -14.11 -24.17 -38.26
CA SER F 30 -14.43 -22.96 -39.00
CA SER F 30 -14.46 -22.99 -39.08
C SER F 30 -15.96 -22.86 -39.22
N GLU F 31 -16.61 -23.98 -39.52
CA GLU F 31 -18.07 -24.00 -39.71
C GLU F 31 -18.75 -23.59 -38.40
N ARG F 32 -18.31 -24.18 -37.29
CA ARG F 32 -18.93 -23.87 -36.00
C ARG F 32 -18.67 -22.44 -35.56
N ALA F 33 -17.47 -21.92 -35.87
CA ALA F 33 -17.17 -20.54 -35.47
C ALA F 33 -18.09 -19.60 -36.20
N PHE F 34 -18.25 -19.85 -37.50
CA PHE F 34 -19.18 -19.05 -38.30
C PHE F 34 -20.63 -19.14 -37.79
N ARG F 35 -21.10 -20.35 -37.48
CA ARG F 35 -22.44 -20.52 -36.96
C ARG F 35 -22.64 -19.86 -35.59
N TYR F 36 -21.65 -19.95 -34.73
CA TYR F 36 -21.79 -19.31 -33.43
C TYR F 36 -21.87 -17.77 -33.61
N ALA F 37 -20.93 -17.20 -34.39
CA ALA F 37 -20.91 -15.77 -34.54
C ALA F 37 -22.17 -15.25 -35.20
N THR F 38 -22.66 -15.94 -36.24
CA THR F 38 -23.85 -15.48 -36.91
C THR F 38 -25.13 -15.75 -36.12
N THR F 39 -25.16 -16.85 -35.34
CA THR F 39 -26.32 -17.07 -34.46
C THR F 39 -26.41 -15.96 -33.41
N LEU F 40 -25.26 -15.61 -32.83
CA LEU F 40 -25.21 -14.55 -31.81
C LEU F 40 -25.68 -13.24 -32.42
N ALA F 41 -25.09 -12.89 -33.57
CA ALA F 41 -25.38 -11.61 -34.19
C ALA F 41 -26.84 -11.51 -34.65
N HIS F 42 -27.39 -12.62 -35.14
CA HIS F 42 -28.81 -12.69 -35.49
C HIS F 42 -29.70 -12.56 -34.25
N ASP F 43 -29.44 -13.40 -33.25
CA ASP F 43 -30.33 -13.55 -32.08
C ASP F 43 -30.38 -12.30 -31.24
N TYR F 44 -29.27 -11.56 -31.19
CA TYR F 44 -29.22 -10.34 -30.39
C TYR F 44 -29.25 -9.08 -31.23
N ASP F 45 -29.32 -9.24 -32.56
CA ASP F 45 -29.40 -8.09 -33.48
C ASP F 45 -28.24 -7.11 -33.29
N VAL F 46 -27.03 -7.63 -33.42
CA VAL F 46 -25.81 -6.84 -33.22
C VAL F 46 -24.91 -6.96 -34.46
N PRO F 47 -24.06 -5.95 -34.69
CA PRO F 47 -23.24 -5.99 -35.91
C PRO F 47 -22.13 -7.04 -35.86
N LEU F 48 -21.84 -7.58 -37.05
CA LEU F 48 -20.81 -8.60 -37.28
C LEU F 48 -19.80 -8.12 -38.31
N GLY F 49 -18.53 -8.27 -38.01
CA GLY F 49 -17.44 -8.01 -38.95
C GLY F 49 -16.76 -9.34 -39.23
N ILE F 50 -16.43 -9.58 -40.49
CA ILE F 50 -15.74 -10.82 -40.88
C ILE F 50 -14.39 -10.44 -41.47
N CYS F 51 -13.35 -10.83 -40.77
CA CYS F 51 -11.99 -10.37 -41.04
CA CYS F 51 -12.03 -10.36 -41.17
C CYS F 51 -11.10 -11.46 -41.59
N SER F 52 -10.24 -11.12 -42.54
CA SER F 52 -9.05 -11.91 -42.79
CA SER F 52 -9.02 -11.89 -42.73
C SER F 52 -7.87 -10.98 -43.10
N VAL F 53 -6.66 -11.55 -43.10
CA VAL F 53 -5.45 -10.75 -43.26
C VAL F 53 -4.63 -11.29 -44.42
N LEU F 54 -4.12 -10.36 -45.21
CA LEU F 54 -3.19 -10.64 -46.30
C LEU F 54 -1.77 -10.35 -45.85
N GLU F 55 -0.83 -11.17 -46.34
CA GLU F 55 0.60 -10.95 -46.14
C GLU F 55 1.06 -9.68 -46.84
N SER F 56 2.02 -9.00 -46.22
CA SER F 56 2.60 -7.78 -46.76
C SER F 56 3.54 -8.08 -47.93
N SER F 68 2.94 -9.27 -58.86
CA SER F 68 1.94 -9.94 -59.70
C SER F 68 1.09 -10.95 -58.94
N LYS F 69 1.75 -11.98 -58.40
CA LYS F 69 1.09 -13.06 -57.66
C LYS F 69 0.58 -12.58 -56.30
N ILE F 70 1.10 -11.44 -55.86
CA ILE F 70 0.63 -10.73 -54.68
C ILE F 70 -0.88 -10.43 -54.78
N GLN F 71 -1.30 -9.92 -55.94
CA GLN F 71 -2.69 -9.49 -56.13
C GLN F 71 -3.68 -10.64 -56.32
N ALA F 72 -3.25 -11.73 -56.96
CA ALA F 72 -4.11 -12.94 -57.08
C ALA F 72 -4.47 -13.50 -55.68
N LYS F 73 -3.50 -13.49 -54.77
CA LYS F 73 -3.78 -13.95 -53.42
C LYS F 73 -4.60 -12.92 -52.61
N ARG F 74 -4.40 -11.63 -52.88
CA ARG F 74 -5.26 -10.58 -52.29
C ARG F 74 -6.70 -10.81 -52.74
N LYS F 75 -6.85 -11.18 -54.02
CA LYS F 75 -8.13 -11.54 -54.62
C LYS F 75 -8.80 -12.70 -53.89
N HIS F 76 -8.05 -13.76 -53.64
CA HIS F 76 -8.58 -14.98 -53.02
C HIS F 76 -9.11 -14.73 -51.61
N VAL F 77 -8.38 -13.94 -50.83
CA VAL F 77 -8.79 -13.59 -49.47
C VAL F 77 -10.02 -12.64 -49.46
N GLU F 78 -10.00 -11.64 -50.35
CA GLU F 78 -11.16 -10.75 -50.51
C GLU F 78 -12.41 -11.58 -50.85
N ASP F 79 -12.24 -12.62 -51.65
CA ASP F 79 -13.36 -13.45 -52.08
C ASP F 79 -13.83 -14.34 -50.97
N VAL F 80 -12.88 -14.87 -50.20
CA VAL F 80 -13.23 -15.75 -49.10
C VAL F 80 -14.11 -14.96 -48.13
N VAL F 81 -13.65 -13.76 -47.80
CA VAL F 81 -14.38 -12.86 -46.89
C VAL F 81 -15.75 -12.48 -47.47
N ALA F 82 -15.80 -12.14 -48.76
CA ALA F 82 -17.07 -11.81 -49.38
C ALA F 82 -18.09 -12.94 -49.34
N GLU F 83 -17.62 -14.17 -49.50
CA GLU F 83 -18.50 -15.33 -49.42
C GLU F 83 -19.06 -15.55 -47.99
N TYR F 84 -18.20 -15.45 -46.99
CA TYR F 84 -18.68 -15.49 -45.61
C TYR F 84 -19.73 -14.40 -45.32
N VAL F 85 -19.48 -13.17 -45.79
CA VAL F 85 -20.42 -12.07 -45.56
C VAL F 85 -21.78 -12.41 -46.20
N GLN F 86 -21.76 -12.94 -47.42
CA GLN F 86 -22.99 -13.40 -48.08
C GLN F 86 -23.75 -14.47 -47.27
N LEU F 87 -23.03 -15.46 -46.74
CA LEU F 87 -23.68 -16.46 -45.93
C LEU F 87 -24.28 -15.87 -44.64
N ALA F 88 -23.60 -14.89 -44.04
CA ALA F 88 -24.10 -14.29 -42.80
C ALA F 88 -25.38 -13.50 -43.07
N GLU F 89 -25.41 -12.76 -44.19
CA GLU F 89 -26.63 -12.07 -44.63
C GLU F 89 -27.81 -13.05 -44.86
N GLN F 90 -27.54 -14.22 -45.46
CA GLN F 90 -28.55 -15.29 -45.64
CA GLN F 90 -28.60 -15.20 -45.64
C GLN F 90 -29.10 -15.85 -44.33
N ARG F 91 -28.22 -15.96 -43.32
CA ARG F 91 -28.61 -16.44 -41.99
C ARG F 91 -29.51 -15.42 -41.29
N GLY F 92 -29.51 -14.18 -41.79
CA GLY F 92 -30.42 -13.16 -41.29
C GLY F 92 -29.74 -12.10 -40.46
N VAL F 93 -28.40 -12.08 -40.48
CA VAL F 93 -27.68 -11.05 -39.74
C VAL F 93 -27.90 -9.73 -40.48
N ASN F 94 -28.38 -8.73 -39.74
CA ASN F 94 -28.78 -7.43 -40.34
C ASN F 94 -27.64 -6.55 -40.76
N GLN F 95 -26.56 -6.55 -39.98
CA GLN F 95 -25.40 -5.75 -40.28
CA GLN F 95 -25.39 -5.72 -40.24
C GLN F 95 -24.14 -6.60 -40.27
N VAL F 96 -23.61 -6.85 -41.46
CA VAL F 96 -22.42 -7.67 -41.63
C VAL F 96 -21.46 -6.89 -42.51
N GLU F 97 -20.19 -6.82 -42.13
CA GLU F 97 -19.22 -6.09 -42.94
C GLU F 97 -17.88 -6.79 -43.16
N PRO F 98 -17.35 -6.68 -44.38
CA PRO F 98 -16.08 -7.31 -44.70
C PRO F 98 -14.92 -6.48 -44.18
N LEU F 99 -13.90 -7.17 -43.66
CA LEU F 99 -12.76 -6.52 -43.04
C LEU F 99 -11.45 -7.15 -43.50
N VAL F 100 -10.95 -6.69 -44.65
CA VAL F 100 -9.73 -7.22 -45.22
C VAL F 100 -8.58 -6.26 -44.95
N TYR F 101 -7.59 -6.76 -44.24
CA TYR F 101 -6.46 -5.96 -43.83
C TYR F 101 -5.18 -6.61 -44.30
N GLU F 102 -4.10 -5.82 -44.28
CA GLU F 102 -2.81 -6.25 -44.80
C GLU F 102 -1.73 -5.83 -43.83
N GLY F 103 -0.72 -6.69 -43.67
CA GLY F 103 0.40 -6.42 -42.78
C GLY F 103 1.35 -7.59 -42.72
N GLY F 104 2.49 -7.41 -42.07
CA GLY F 104 3.52 -8.45 -41.99
C GLY F 104 3.15 -9.53 -40.99
N ASP F 105 2.70 -9.11 -39.81
CA ASP F 105 2.26 -10.08 -38.82
C ASP F 105 0.78 -9.95 -38.55
N VAL F 106 0.07 -11.04 -38.83
CA VAL F 106 -1.37 -11.09 -38.69
CA VAL F 106 -1.38 -11.09 -38.69
C VAL F 106 -1.80 -10.73 -37.27
N ASP F 107 -1.07 -11.22 -36.26
CA ASP F 107 -1.44 -10.93 -34.86
C ASP F 107 -1.47 -9.44 -34.61
N ASP F 108 -0.41 -8.76 -35.07
CA ASP F 108 -0.31 -7.32 -34.92
C ASP F 108 -1.39 -6.60 -35.70
N VAL F 109 -1.70 -7.08 -36.90
CA VAL F 109 -2.75 -6.50 -37.72
C VAL F 109 -4.09 -6.55 -36.97
N ILE F 110 -4.45 -7.71 -36.41
CA ILE F 110 -5.71 -7.83 -35.69
C ILE F 110 -5.72 -6.95 -34.43
N LEU F 111 -4.67 -7.04 -33.63
CA LEU F 111 -4.61 -6.29 -32.35
C LEU F 111 -4.45 -4.78 -32.51
N GLU F 112 -3.73 -4.37 -33.54
CA GLU F 112 -3.31 -2.98 -33.66
C GLU F 112 -4.11 -2.19 -34.68
N GLN F 113 -4.70 -2.89 -35.66
CA GLN F 113 -5.55 -2.27 -36.69
C GLN F 113 -7.03 -2.65 -36.62
N VAL F 114 -7.33 -3.96 -36.67
CA VAL F 114 -8.72 -4.37 -36.84
C VAL F 114 -9.56 -4.10 -35.60
N ILE F 115 -9.06 -4.54 -34.45
CA ILE F 115 -9.73 -4.28 -33.15
C ILE F 115 -9.94 -2.76 -32.88
N PRO F 116 -8.86 -1.96 -32.96
CA PRO F 116 -9.05 -0.52 -32.77
C PRO F 116 -10.01 0.17 -33.73
N GLU F 117 -10.11 -0.30 -34.98
CA GLU F 117 -10.97 0.28 -36.00
C GLU F 117 -12.43 -0.18 -35.95
N PHE F 118 -12.63 -1.49 -35.87
CA PHE F 118 -13.98 -2.05 -35.90
C PHE F 118 -14.60 -2.02 -34.51
N LYS F 119 -13.75 -2.01 -33.48
CA LYS F 119 -14.17 -1.90 -32.09
C LYS F 119 -15.10 -3.05 -31.63
N PRO F 120 -14.71 -4.30 -31.89
CA PRO F 120 -15.52 -5.40 -31.36
C PRO F 120 -15.32 -5.55 -29.86
N ASP F 121 -16.30 -6.18 -29.20
CA ASP F 121 -16.09 -6.59 -27.82
C ASP F 121 -15.97 -8.12 -27.69
N LEU F 122 -16.14 -8.82 -28.80
CA LEU F 122 -15.89 -10.26 -28.81
C LEU F 122 -15.18 -10.61 -30.10
N LEU F 123 -14.09 -11.38 -30.01
CA LEU F 123 -13.47 -11.97 -31.19
C LEU F 123 -13.79 -13.46 -31.22
N VAL F 124 -14.28 -13.94 -32.36
CA VAL F 124 -14.61 -15.35 -32.57
C VAL F 124 -13.68 -15.92 -33.63
N THR F 125 -13.07 -17.07 -33.37
CA THR F 125 -12.35 -17.77 -34.45
C THR F 125 -12.37 -19.27 -34.21
N GLY F 126 -12.34 -20.03 -35.29
CA GLY F 126 -12.24 -21.48 -35.15
C GLY F 126 -10.86 -21.83 -34.58
N ALA F 127 -10.79 -22.97 -33.90
CA ALA F 127 -9.53 -23.45 -33.31
C ALA F 127 -8.47 -23.77 -34.33
N ASP F 128 -8.88 -23.94 -35.58
CA ASP F 128 -7.92 -24.32 -36.65
C ASP F 128 -7.42 -23.14 -37.45
N THR F 129 -8.02 -21.96 -37.26
CA THR F 129 -7.64 -20.77 -38.03
C THR F 129 -6.16 -20.45 -37.84
N GLU F 130 -5.46 -20.33 -38.97
CA GLU F 130 -4.04 -20.02 -38.95
C GLU F 130 -3.63 -19.39 -40.25
N PHE F 131 -2.49 -18.72 -40.20
CA PHE F 131 -1.97 -18.01 -41.36
C PHE F 131 -0.53 -18.43 -41.48
N PRO F 132 -0.13 -18.91 -42.67
CA PRO F 132 1.19 -19.56 -42.80
C PRO F 132 2.37 -18.61 -42.56
N HIS F 133 2.10 -17.32 -42.75
CA HIS F 133 3.07 -16.25 -42.67
C HIS F 133 3.17 -15.58 -41.29
N SER F 134 2.37 -16.02 -40.32
CA SER F 134 2.44 -15.44 -38.97
C SER F 134 3.79 -15.63 -38.30
N LYS F 135 4.21 -14.63 -37.52
CA LYS F 135 5.50 -14.69 -36.81
C LYS F 135 5.59 -15.90 -35.89
N ILE F 136 4.52 -16.14 -35.14
CA ILE F 136 4.40 -17.32 -34.33
C ILE F 136 3.54 -18.25 -35.17
N ALA F 137 4.02 -19.47 -35.40
CA ALA F 137 3.30 -20.45 -36.20
C ALA F 137 2.12 -21.07 -35.42
N GLY F 138 1.10 -21.47 -36.17
CA GLY F 138 0.02 -22.29 -35.62
C GLY F 138 -1.26 -21.52 -35.34
N ALA F 139 -2.12 -22.13 -34.56
CA ALA F 139 -3.49 -21.61 -34.39
C ALA F 139 -3.52 -20.24 -33.74
N ILE F 140 -4.17 -19.29 -34.40
CA ILE F 140 -4.15 -17.90 -33.93
C ILE F 140 -5.09 -17.67 -32.72
N GLY F 141 -6.17 -18.44 -32.62
CA GLY F 141 -7.20 -18.21 -31.59
C GLY F 141 -6.66 -18.15 -30.19
N PRO F 142 -5.91 -19.18 -29.76
CA PRO F 142 -5.39 -19.18 -28.40
C PRO F 142 -4.37 -18.05 -28.16
N ARG F 143 -3.62 -17.66 -29.20
CA ARG F 143 -2.71 -16.51 -29.04
C ARG F 143 -3.50 -15.21 -28.80
N LEU F 144 -4.55 -15.01 -29.58
CA LEU F 144 -5.41 -13.86 -29.38
C LEU F 144 -6.13 -13.95 -28.03
N ALA F 145 -6.54 -15.15 -27.59
CA ALA F 145 -7.14 -15.27 -26.26
C ALA F 145 -6.22 -14.74 -25.17
N ARG F 146 -4.92 -14.99 -25.34
CA ARG F 146 -3.92 -14.50 -24.38
C ARG F 146 -3.64 -13.00 -24.47
N LYS F 147 -3.58 -12.47 -25.69
CA LYS F 147 -3.06 -11.14 -25.93
C LYS F 147 -4.10 -10.04 -26.12
N ALA F 148 -5.33 -10.39 -26.49
CA ALA F 148 -6.32 -9.38 -26.83
C ALA F 148 -6.87 -8.68 -25.58
N PRO F 149 -7.27 -7.41 -25.74
CA PRO F 149 -7.84 -6.70 -24.61
C PRO F 149 -9.35 -6.93 -24.46
N ILE F 150 -9.92 -7.74 -25.37
CA ILE F 150 -11.36 -8.06 -25.35
C ILE F 150 -11.57 -9.58 -25.18
N SER F 151 -12.81 -9.98 -24.96
CA SER F 151 -13.15 -11.41 -24.85
C SER F 151 -12.86 -12.13 -26.19
N VAL F 152 -12.42 -13.39 -26.12
CA VAL F 152 -12.09 -14.17 -27.29
C VAL F 152 -12.67 -15.57 -27.09
N ILE F 153 -13.42 -16.03 -28.07
CA ILE F 153 -13.89 -17.44 -28.07
C ILE F 153 -13.21 -18.17 -29.19
N VAL F 154 -12.57 -19.27 -28.80
CA VAL F 154 -11.93 -20.23 -29.73
C VAL F 154 -12.91 -21.39 -29.86
N VAL F 155 -13.49 -21.50 -31.05
CA VAL F 155 -14.61 -22.44 -31.28
C VAL F 155 -14.12 -23.76 -31.86
N ARG F 156 -14.62 -24.84 -31.29
CA ARG F 156 -14.39 -26.18 -31.85
C ARG F 156 -15.68 -26.83 -32.22
#